data_2R47
#
_entry.id   2R47
#
_cell.length_a   150.763
_cell.length_b   208.637
_cell.length_c   83.051
_cell.angle_alpha   90.000
_cell.angle_beta   90.000
_cell.angle_gamma   90.000
#
_symmetry.space_group_name_H-M   'C 2 2 21'
#
loop_
_entity.id
_entity.type
_entity.pdbx_description
1 polymer 'Uncharacterized protein MTH_862'
2 non-polymer 'SULFATE ION'
3 water water
#
_entity_poly.entity_id   1
_entity_poly.type   'polypeptide(L)'
_entity_poly.pdbx_seq_one_letter_code
;GHMEKLKEFRGIKEHLGVFREAVKDAERIGFAGVPGV(OCS)TPFAQLFAYAVRDKDNIFIPNTDFSKARKLEVTEYGVE
LGEISPGNVDVLVLLGGLSMPGIGSDIEDVKKLVEDALEEGGELMGLCYMDMFARAGWYELLDFDCVINADIDGYVLRGG
S
;
_entity_poly.pdbx_strand_id   A,B,C,D,E
#
# COMPACT_ATOMS: atom_id res chain seq x y z
N GLY A 1 -12.18 13.58 -11.48
CA GLY A 1 -11.77 14.99 -11.77
C GLY A 1 -10.82 15.56 -10.72
N HIS A 2 -10.67 16.88 -10.73
CA HIS A 2 -9.68 17.56 -9.88
C HIS A 2 -9.86 17.30 -8.39
N MET A 3 -8.77 16.92 -7.74
CA MET A 3 -8.76 16.59 -6.32
C MET A 3 -7.99 17.67 -5.59
N GLU A 4 -8.62 18.26 -4.57
CA GLU A 4 -8.02 19.31 -3.77
C GLU A 4 -7.64 18.81 -2.39
N LYS A 5 -6.40 19.11 -1.95
CA LYS A 5 -5.94 18.72 -0.62
C LYS A 5 -6.77 19.38 0.44
N LEU A 6 -7.31 18.57 1.34
CA LEU A 6 -8.15 19.02 2.43
C LEU A 6 -7.31 19.20 3.68
N LYS A 7 -6.58 18.16 4.07
CA LYS A 7 -5.74 18.27 5.25
C LYS A 7 -4.69 17.19 5.31
N GLU A 8 -3.79 17.32 6.26
CA GLU A 8 -2.70 16.34 6.42
C GLU A 8 -2.91 15.56 7.70
N PHE A 9 -2.31 14.37 7.78
CA PHE A 9 -2.38 13.59 8.99
C PHE A 9 -1.06 12.88 9.18
N ARG A 10 -0.84 12.38 10.38
CA ARG A 10 0.40 11.69 10.72
C ARG A 10 0.10 10.57 11.70
N GLY A 11 0.69 9.41 11.45
CA GLY A 11 0.52 8.25 12.29
C GLY A 11 -0.70 7.42 11.94
N ILE A 12 -0.71 6.16 12.41
CA ILE A 12 -1.83 5.22 12.20
C ILE A 12 -3.13 5.68 12.84
N LYS A 13 -3.06 6.19 14.06
CA LYS A 13 -4.32 6.67 14.69
C LYS A 13 -5.05 7.72 13.84
N GLU A 14 -4.32 8.70 13.32
CA GLU A 14 -4.95 9.74 12.48
C GLU A 14 -5.35 9.23 11.12
N HIS A 15 -4.58 8.28 10.58
CA HIS A 15 -4.94 7.64 9.30
C HIS A 15 -6.31 6.96 9.40
N LEU A 16 -6.51 6.16 10.45
CA LEU A 16 -7.83 5.58 10.69
C LEU A 16 -8.90 6.65 10.94
N GLY A 17 -8.53 7.67 11.73
CA GLY A 17 -9.48 8.76 12.05
C GLY A 17 -10.03 9.55 10.88
N VAL A 18 -9.15 9.91 9.94
CA VAL A 18 -9.65 10.65 8.74
C VAL A 18 -10.55 9.75 7.88
N PHE A 19 -10.30 8.44 7.91
CA PHE A 19 -11.20 7.50 7.23
C PHE A 19 -12.55 7.48 7.95
N ARG A 20 -12.52 7.32 9.27
CA ARG A 20 -13.78 7.33 10.03
C ARG A 20 -14.61 8.58 9.75
N GLU A 21 -13.93 9.72 9.65
CA GLU A 21 -14.59 11.00 9.33
C GLU A 21 -15.17 10.97 7.92
N ALA A 22 -14.38 10.49 6.96
CA ALA A 22 -14.80 10.41 5.56
C ALA A 22 -16.08 9.57 5.39
N VAL A 23 -16.22 8.46 6.13
CA VAL A 23 -17.39 7.57 5.99
C VAL A 23 -18.44 7.68 7.12
N LYS A 24 -18.45 8.79 7.81
CA LYS A 24 -19.28 8.91 9.00
C LYS A 24 -20.75 8.64 8.77
N ASP A 25 -21.26 9.01 7.61
CA ASP A 25 -22.70 8.88 7.32
C ASP A 25 -23.06 7.60 6.59
N ALA A 26 -22.07 6.75 6.32
CA ALA A 26 -22.27 5.51 5.54
C ALA A 26 -22.83 4.39 6.38
N GLU A 27 -23.59 3.50 5.75
CA GLU A 27 -24.08 2.29 6.40
C GLU A 27 -23.25 1.07 5.98
N ARG A 28 -22.86 1.02 4.69
CA ARG A 28 -22.28 -0.17 4.10
CA ARG A 28 -22.27 -0.17 4.09
C ARG A 28 -21.10 0.29 3.26
N ILE A 29 -19.93 -0.25 3.60
CA ILE A 29 -18.71 0.07 2.86
CA ILE A 29 -18.67 0.07 2.90
C ILE A 29 -18.17 -1.17 2.16
N GLY A 30 -17.71 -0.98 0.93
CA GLY A 30 -17.11 -2.05 0.13
C GLY A 30 -15.68 -1.63 -0.09
N PHE A 31 -14.74 -2.54 0.13
CA PHE A 31 -13.31 -2.27 -0.17
C PHE A 31 -12.94 -3.19 -1.31
N ALA A 32 -12.44 -2.63 -2.42
CA ALA A 32 -12.07 -3.44 -3.60
C ALA A 32 -10.57 -3.37 -3.76
N GLY A 33 -9.92 -4.51 -3.83
CA GLY A 33 -8.47 -4.48 -4.04
C GLY A 33 -7.89 -5.82 -4.44
N VAL A 34 -6.60 -5.80 -4.70
CA VAL A 34 -5.90 -7.02 -5.07
C VAL A 34 -5.70 -7.94 -3.86
N PRO A 35 -6.21 -9.19 -3.93
CA PRO A 35 -5.98 -10.15 -2.86
C PRO A 35 -4.49 -10.24 -2.47
N GLY A 36 -4.22 -10.30 -1.17
CA GLY A 36 -2.89 -10.55 -0.68
C GLY A 36 -2.23 -9.24 -0.30
N VAL A 37 -1.91 -8.43 -1.31
CA VAL A 37 -1.32 -7.10 -1.16
CA VAL A 37 -1.28 -7.15 -1.07
C VAL A 37 -2.28 -6.12 -0.48
N THR A 39 -5.72 -6.87 0.61
CA THR A 39 -6.68 -7.41 1.63
C THR A 39 -6.41 -6.85 3.06
N PRO A 40 -5.13 -6.85 3.53
CA PRO A 40 -4.85 -6.36 4.88
C PRO A 40 -5.33 -4.92 5.11
N PHE A 41 -5.29 -4.09 4.07
CA PHE A 41 -5.73 -2.68 4.22
C PHE A 41 -7.22 -2.63 4.34
N ALA A 42 -7.88 -3.42 3.54
CA ALA A 42 -9.32 -3.50 3.71
C ALA A 42 -9.67 -3.95 5.15
N GLN A 43 -8.93 -4.92 5.70
CA GLN A 43 -9.25 -5.43 7.06
C GLN A 43 -8.96 -4.38 8.12
N LEU A 44 -7.89 -3.63 7.91
CA LEU A 44 -7.49 -2.58 8.87
C LEU A 44 -8.52 -1.48 8.93
N PHE A 45 -8.93 -1.01 7.78
CA PHE A 45 -9.88 0.12 7.77
C PHE A 45 -11.31 -0.30 8.11
N ALA A 46 -11.69 -1.51 7.72
CA ALA A 46 -12.95 -2.12 8.21
C ALA A 46 -13.01 -2.21 9.73
N TYR A 47 -11.92 -2.65 10.34
CA TYR A 47 -11.79 -2.62 11.79
C TYR A 47 -12.08 -1.24 12.38
N ALA A 48 -11.55 -0.19 11.76
CA ALA A 48 -11.74 1.16 12.27
C ALA A 48 -13.20 1.58 12.19
N VAL A 49 -13.95 0.98 11.26
CA VAL A 49 -15.39 1.28 11.13
C VAL A 49 -16.22 0.02 11.28
N ARG A 50 -15.88 -0.79 12.29
CA ARG A 50 -16.49 -2.12 12.45
C ARG A 50 -17.97 -2.06 12.83
N ASP A 51 -18.43 -0.86 13.17
CA ASP A 51 -19.86 -0.61 13.40
C ASP A 51 -20.72 -0.72 12.13
N LYS A 52 -20.05 -0.60 10.97
CA LYS A 52 -20.74 -0.58 9.70
C LYS A 52 -20.81 -1.98 9.15
N ASP A 53 -21.56 -2.17 8.07
CA ASP A 53 -21.61 -3.48 7.42
CA ASP A 53 -21.68 -3.42 7.38
C ASP A 53 -20.63 -3.39 6.25
N ASN A 54 -19.54 -4.16 6.35
CA ASN A 54 -18.41 -3.96 5.41
C ASN A 54 -18.17 -5.24 4.62
N ILE A 55 -17.74 -5.06 3.39
CA ILE A 55 -17.38 -6.19 2.54
C ILE A 55 -16.05 -5.96 1.79
N PHE A 56 -15.43 -7.07 1.36
CA PHE A 56 -14.16 -7.01 0.60
C PHE A 56 -14.46 -7.58 -0.78
N ILE A 57 -14.15 -6.80 -1.81
CA ILE A 57 -14.38 -7.21 -3.19
C ILE A 57 -13.00 -7.52 -3.76
N PRO A 58 -12.75 -8.79 -4.15
CA PRO A 58 -11.47 -9.13 -4.73
C PRO A 58 -11.37 -8.66 -6.19
N ASN A 59 -10.30 -7.90 -6.47
CA ASN A 59 -10.10 -7.30 -7.79
C ASN A 59 -11.32 -6.49 -8.17
N THR A 60 -11.98 -6.79 -9.29
CA THR A 60 -13.22 -6.06 -9.59
C THR A 60 -14.42 -7.04 -9.65
N ASP A 61 -14.30 -8.16 -8.95
CA ASP A 61 -15.32 -9.18 -8.99
C ASP A 61 -16.29 -9.08 -7.82
N PHE A 62 -17.34 -8.28 -8.01
CA PHE A 62 -18.37 -8.05 -7.01
C PHE A 62 -19.09 -9.34 -6.59
N SER A 63 -19.29 -10.25 -7.53
CA SER A 63 -19.94 -11.52 -7.25
C SER A 63 -19.18 -12.38 -6.23
N LYS A 64 -17.87 -12.14 -6.08
CA LYS A 64 -17.05 -12.88 -5.11
CA LYS A 64 -17.02 -12.86 -5.13
C LYS A 64 -16.83 -12.08 -3.80
N ALA A 65 -17.55 -10.98 -3.62
CA ALA A 65 -17.39 -10.16 -2.40
C ALA A 65 -17.77 -10.98 -1.18
N ARG A 66 -17.02 -10.77 -0.08
CA ARG A 66 -17.28 -11.46 1.18
CA ARG A 66 -17.28 -11.46 1.18
C ARG A 66 -17.42 -10.46 2.32
N LYS A 67 -18.26 -10.81 3.30
CA LYS A 67 -18.34 -9.98 4.50
C LYS A 67 -16.98 -9.88 5.19
N LEU A 68 -16.72 -8.69 5.75
CA LEU A 68 -15.61 -8.43 6.64
C LEU A 68 -16.20 -8.41 8.04
N GLU A 69 -15.97 -9.49 8.78
CA GLU A 69 -16.62 -9.72 10.07
CA GLU A 69 -16.62 -9.67 10.08
C GLU A 69 -15.64 -9.69 11.25
N VAL A 70 -16.06 -9.08 12.36
CA VAL A 70 -15.18 -9.04 13.55
C VAL A 70 -15.24 -10.35 14.34
N THR A 71 -14.09 -10.94 14.59
CA THR A 71 -14.02 -12.14 15.43
C THR A 71 -13.08 -11.86 16.62
N GLU A 72 -12.81 -12.84 17.49
CA GLU A 72 -11.76 -12.63 18.50
C GLU A 72 -10.35 -12.44 17.95
N TYR A 73 -10.18 -12.70 16.65
CA TYR A 73 -8.87 -12.52 16.00
C TYR A 73 -8.72 -11.20 15.22
N GLY A 74 -9.81 -10.43 15.11
CA GLY A 74 -9.80 -9.22 14.33
C GLY A 74 -10.87 -9.38 13.27
N VAL A 75 -10.65 -8.75 12.13
CA VAL A 75 -11.58 -8.85 11.02
C VAL A 75 -11.18 -10.00 10.13
N GLU A 76 -12.14 -10.89 9.88
CA GLU A 76 -11.91 -12.02 9.01
C GLU A 76 -12.97 -12.01 7.91
N LEU A 77 -12.68 -12.74 6.83
CA LEU A 77 -13.63 -12.86 5.72
C LEU A 77 -14.71 -13.86 6.04
N GLY A 78 -15.95 -13.49 5.76
CA GLY A 78 -17.12 -14.27 6.11
C GLY A 78 -17.78 -14.84 4.86
N GLU A 79 -19.11 -14.87 4.82
CA GLU A 79 -19.76 -15.46 3.63
C GLU A 79 -19.79 -14.52 2.43
N ILE A 80 -20.02 -15.09 1.26
CA ILE A 80 -20.22 -14.31 0.04
C ILE A 80 -21.42 -13.35 0.23
N SER A 81 -21.27 -12.11 -0.22
CA SER A 81 -22.21 -11.04 0.09
C SER A 81 -22.14 -9.92 -0.93
N PRO A 82 -22.71 -10.12 -2.13
CA PRO A 82 -22.59 -9.12 -3.19
C PRO A 82 -23.70 -8.06 -3.05
N GLY A 83 -23.77 -7.44 -1.90
CA GLY A 83 -24.70 -6.32 -1.70
C GLY A 83 -24.02 -5.05 -2.11
N ASN A 84 -24.75 -4.14 -2.74
CA ASN A 84 -24.10 -2.91 -3.07
C ASN A 84 -23.88 -2.06 -1.81
N VAL A 85 -23.08 -1.00 -1.98
CA VAL A 85 -22.59 -0.27 -0.83
C VAL A 85 -22.86 1.19 -1.03
N ASP A 86 -22.89 1.95 0.06
CA ASP A 86 -23.05 3.39 -0.12
CA ASP A 86 -23.05 3.40 -0.10
C ASP A 86 -21.72 4.13 -0.13
N VAL A 87 -20.63 3.45 0.22
CA VAL A 87 -19.27 3.98 -0.08
C VAL A 87 -18.46 2.84 -0.68
N LEU A 88 -17.88 3.07 -1.85
CA LEU A 88 -17.02 2.08 -2.43
C LEU A 88 -15.59 2.62 -2.33
N VAL A 89 -14.71 1.86 -1.68
CA VAL A 89 -13.35 2.29 -1.48
C VAL A 89 -12.45 1.43 -2.40
N LEU A 90 -11.85 2.08 -3.38
CA LEU A 90 -10.88 1.41 -4.24
C LEU A 90 -9.51 1.48 -3.55
N LEU A 91 -8.83 0.34 -3.51
CA LEU A 91 -7.48 0.24 -2.92
C LEU A 91 -6.43 0.40 -3.98
N GLY A 92 -5.28 0.99 -3.59
CA GLY A 92 -4.28 1.37 -4.57
C GLY A 92 -3.76 0.29 -5.51
N GLY A 93 -3.68 -0.95 -5.03
CA GLY A 93 -3.21 -2.08 -5.83
C GLY A 93 -4.00 -2.24 -7.12
N LEU A 94 -5.28 -1.82 -7.13
CA LEU A 94 -6.07 -1.94 -8.38
C LEU A 94 -5.46 -1.18 -9.55
N SER A 95 -4.69 -0.16 -9.22
CA SER A 95 -4.14 0.76 -10.27
C SER A 95 -2.79 0.24 -10.76
N MET A 96 -2.29 -0.83 -10.19
CA MET A 96 -0.95 -1.32 -10.54
CA MET A 96 -0.97 -1.22 -10.59
C MET A 96 -0.97 -2.03 -11.90
N PRO A 97 0.06 -1.80 -12.74
CA PRO A 97 0.14 -2.52 -14.03
C PRO A 97 0.30 -4.03 -13.83
N GLY A 98 -0.34 -4.83 -14.69
CA GLY A 98 -0.09 -6.29 -14.73
C GLY A 98 -1.20 -7.12 -14.13
N ILE A 99 -2.12 -6.40 -13.53
CA ILE A 99 -3.28 -6.87 -12.75
C ILE A 99 -3.35 -6.22 -11.37
N GLY A 100 -3.26 -4.90 -11.45
CA GLY A 100 -4.39 -4.10 -11.00
C GLY A 100 -5.47 -4.52 -12.00
N SER A 101 -6.50 -3.72 -12.18
CA SER A 101 -7.61 -4.12 -13.07
C SER A 101 -7.69 -3.12 -14.20
N ASP A 102 -8.24 -3.49 -15.35
CA ASP A 102 -8.31 -2.46 -16.38
C ASP A 102 -9.40 -1.43 -16.04
N ILE A 103 -9.22 -0.19 -16.51
CA ILE A 103 -10.09 0.91 -16.10
C ILE A 103 -11.56 0.63 -16.41
N GLU A 104 -11.83 -0.06 -17.53
CA GLU A 104 -13.22 -0.34 -17.82
CA GLU A 104 -13.18 -0.46 -17.91
C GLU A 104 -13.85 -1.36 -16.87
N ASP A 105 -13.06 -2.31 -16.35
CA ASP A 105 -13.57 -3.28 -15.36
C ASP A 105 -13.81 -2.56 -14.04
N VAL A 106 -12.94 -1.58 -13.76
CA VAL A 106 -13.11 -0.72 -12.57
C VAL A 106 -14.38 0.13 -12.67
N LYS A 107 -14.62 0.73 -13.82
CA LYS A 107 -15.82 1.54 -13.98
C LYS A 107 -17.08 0.70 -13.91
N LYS A 108 -17.00 -0.55 -14.39
CA LYS A 108 -18.15 -1.46 -14.29
C LYS A 108 -18.40 -1.81 -12.83
N LEU A 109 -17.33 -2.01 -12.08
CA LEU A 109 -17.46 -2.24 -10.62
C LEU A 109 -18.17 -1.10 -9.95
N VAL A 110 -17.79 0.13 -10.32
CA VAL A 110 -18.38 1.30 -9.69
C VAL A 110 -19.86 1.32 -10.04
N GLU A 111 -20.18 1.03 -11.31
CA GLU A 111 -21.56 0.97 -11.74
C GLU A 111 -22.35 -0.07 -10.99
N ASP A 112 -21.76 -1.25 -10.79
CA ASP A 112 -22.48 -2.36 -10.17
C ASP A 112 -22.56 -2.34 -8.64
N ALA A 113 -21.46 -2.03 -7.98
CA ALA A 113 -21.34 -2.20 -6.54
C ALA A 113 -21.66 -0.93 -5.77
N LEU A 114 -21.53 0.24 -6.39
CA LEU A 114 -21.81 1.48 -5.66
C LEU A 114 -23.27 1.86 -5.87
N GLU A 115 -24.05 1.97 -4.79
CA GLU A 115 -25.44 2.35 -4.99
C GLU A 115 -25.55 3.76 -5.63
N GLU A 116 -26.61 4.02 -6.39
CA GLU A 116 -26.76 5.34 -7.01
C GLU A 116 -26.74 6.41 -5.91
N GLY A 117 -26.07 7.53 -6.17
CA GLY A 117 -25.85 8.56 -5.16
C GLY A 117 -24.80 8.28 -4.09
N GLY A 118 -24.12 7.14 -4.19
CA GLY A 118 -23.12 6.75 -3.17
C GLY A 118 -21.78 7.45 -3.42
N GLU A 119 -20.81 7.28 -2.53
CA GLU A 119 -19.54 7.98 -2.61
CA GLU A 119 -19.56 7.97 -2.70
C GLU A 119 -18.47 7.03 -3.14
N LEU A 120 -17.63 7.51 -4.05
CA LEU A 120 -16.50 6.75 -4.52
C LEU A 120 -15.26 7.29 -3.80
N MET A 121 -14.51 6.40 -3.17
CA MET A 121 -13.29 6.77 -2.50
C MET A 121 -12.10 5.93 -2.94
N GLY A 122 -10.91 6.49 -2.75
CA GLY A 122 -9.68 5.73 -2.85
C GLY A 122 -8.83 5.81 -1.61
N LEU A 123 -8.20 4.70 -1.28
CA LEU A 123 -7.31 4.68 -0.15
C LEU A 123 -6.05 4.07 -0.73
N CYS A 124 -4.94 4.83 -0.74
CA CYS A 124 -3.74 4.27 -1.35
C CYS A 124 -2.47 4.76 -0.63
N TYR A 125 -1.32 4.24 -1.07
CA TYR A 125 -0.05 4.64 -0.53
C TYR A 125 0.79 5.19 -1.67
N MET A 126 1.69 6.10 -1.33
CA MET A 126 2.69 6.64 -2.25
C MET A 126 2.05 7.25 -3.49
N ASP A 127 0.85 7.83 -3.32
CA ASP A 127 0.16 8.59 -4.37
C ASP A 127 -0.22 7.73 -5.58
N MET A 128 -0.52 6.46 -5.34
CA MET A 128 -0.68 5.51 -6.42
C MET A 128 -1.74 5.95 -7.40
N PHE A 129 -2.90 6.39 -6.92
CA PHE A 129 -3.96 6.71 -7.87
C PHE A 129 -3.63 7.91 -8.78
N ALA A 130 -3.14 8.99 -8.19
CA ALA A 130 -2.72 10.16 -8.99
C ALA A 130 -1.69 9.74 -10.06
N ARG A 131 -0.71 8.95 -9.62
CA ARG A 131 0.40 8.53 -10.50
C ARG A 131 -0.06 7.67 -11.68
N ALA A 132 -1.12 6.89 -11.46
CA ALA A 132 -1.66 6.03 -12.50
C ALA A 132 -2.56 6.78 -13.50
N GLY A 133 -2.83 8.04 -13.24
CA GLY A 133 -3.74 8.85 -14.06
C GLY A 133 -5.20 8.77 -13.61
N TRP A 134 -5.45 8.10 -12.48
CA TRP A 134 -6.83 7.74 -12.13
C TRP A 134 -7.68 8.90 -11.67
N TYR A 135 -7.07 10.03 -11.31
CA TYR A 135 -7.88 11.20 -10.93
C TYR A 135 -8.55 11.78 -12.16
N GLU A 136 -7.94 11.57 -13.33
CA GLU A 136 -8.54 12.03 -14.60
C GLU A 136 -9.50 11.00 -15.20
N LEU A 137 -9.34 9.73 -14.86
CA LEU A 137 -10.11 8.63 -15.45
C LEU A 137 -11.35 8.32 -14.64
N LEU A 138 -11.30 8.57 -13.32
CA LEU A 138 -12.43 8.27 -12.38
C LEU A 138 -12.86 9.56 -11.66
N ASP A 139 -14.09 9.63 -11.18
CA ASP A 139 -14.57 10.79 -10.42
CA ASP A 139 -14.50 10.80 -10.41
C ASP A 139 -14.56 10.42 -8.93
N PHE A 140 -13.38 10.49 -8.30
CA PHE A 140 -13.32 10.22 -6.83
C PHE A 140 -14.00 11.35 -6.05
N ASP A 141 -14.80 10.99 -5.04
CA ASP A 141 -15.28 11.97 -4.08
C ASP A 141 -14.26 12.29 -3.01
N CYS A 142 -13.43 11.31 -2.62
CA CYS A 142 -12.46 11.57 -1.56
C CYS A 142 -11.32 10.56 -1.77
N VAL A 143 -10.07 10.98 -1.58
CA VAL A 143 -8.97 10.04 -1.64
C VAL A 143 -8.17 10.26 -0.36
N ILE A 144 -7.74 9.19 0.29
CA ILE A 144 -6.84 9.31 1.40
C ILE A 144 -5.56 8.60 0.98
N ASN A 145 -4.46 9.36 0.94
CA ASN A 145 -3.17 8.86 0.47
C ASN A 145 -2.16 8.90 1.61
N ALA A 146 -1.41 7.83 1.85
CA ALA A 146 -0.37 7.93 2.89
C ALA A 146 1.01 7.62 2.33
N ASP A 147 2.07 8.19 2.92
CA ASP A 147 3.40 7.81 2.51
C ASP A 147 4.05 7.10 3.67
N ILE A 148 4.90 6.13 3.35
CA ILE A 148 5.54 5.29 4.34
C ILE A 148 7.05 5.42 4.17
N ASP A 149 7.75 5.60 5.29
CA ASP A 149 9.18 5.46 5.31
C ASP A 149 9.67 5.07 6.69
N GLY A 150 10.85 4.49 6.77
CA GLY A 150 11.21 3.88 8.04
C GLY A 150 12.64 3.46 8.05
N TYR A 151 12.97 2.67 9.06
CA TYR A 151 14.35 2.28 9.35
CA TYR A 151 14.33 2.20 9.18
C TYR A 151 14.38 0.81 9.78
N VAL A 152 15.51 0.16 9.57
CA VAL A 152 15.77 -1.17 10.12
C VAL A 152 16.87 -0.96 11.16
N LEU A 153 16.69 -1.54 12.34
CA LEU A 153 17.71 -1.47 13.39
C LEU A 153 18.09 -2.90 13.75
N ARG A 154 19.36 -3.05 14.18
CA ARG A 154 19.85 -4.33 14.63
CA ARG A 154 19.93 -4.31 14.61
C ARG A 154 20.37 -4.25 16.05
N GLY A 155 20.23 -5.34 16.79
N GLY A 155 20.16 -5.36 16.75
CA GLY A 155 20.65 -5.38 18.19
CA GLY A 155 20.76 -5.59 18.05
C GLY A 155 22.16 -5.50 18.34
C GLY A 155 22.01 -6.45 17.86
N GLY B 1 18.29 -4.80 24.23
CA GLY B 1 19.52 -3.97 24.33
C GLY B 1 19.55 -2.88 23.28
N HIS B 2 20.70 -2.20 23.19
CA HIS B 2 20.88 -1.07 22.28
C HIS B 2 20.68 -1.44 20.82
N MET B 3 19.83 -0.66 20.16
CA MET B 3 19.50 -0.89 18.80
C MET B 3 20.17 0.15 17.92
N GLU B 4 20.94 -0.34 16.95
CA GLU B 4 21.67 0.49 16.01
CA GLU B 4 21.66 0.51 16.01
C GLU B 4 20.96 0.54 14.65
N LYS B 5 20.75 1.75 14.14
CA LYS B 5 20.13 1.97 12.84
C LYS B 5 20.99 1.36 11.72
N LEU B 6 20.38 0.51 10.89
CA LEU B 6 21.10 -0.16 9.81
C LEU B 6 20.86 0.52 8.46
N LYS B 7 19.60 0.83 8.16
CA LYS B 7 19.27 1.41 6.88
C LYS B 7 17.88 1.98 6.91
N GLU B 8 17.61 2.86 5.95
CA GLU B 8 16.30 3.47 5.80
CA GLU B 8 16.30 3.48 5.79
C GLU B 8 15.63 2.90 4.56
N PHE B 9 14.30 2.94 4.55
CA PHE B 9 13.52 2.51 3.39
C PHE B 9 12.36 3.46 3.19
N ARG B 10 11.83 3.43 1.96
CA ARG B 10 10.68 4.25 1.57
C ARG B 10 9.67 3.42 0.77
N GLY B 11 8.41 3.51 1.17
CA GLY B 11 7.32 2.90 0.45
C GLY B 11 7.03 1.49 0.87
N ILE B 12 5.86 1.01 0.45
CA ILE B 12 5.41 -0.35 0.76
C ILE B 12 6.28 -1.49 0.18
N LYS B 13 6.66 -1.41 -1.10
CA LYS B 13 7.51 -2.47 -1.68
C LYS B 13 8.79 -2.66 -0.87
N GLU B 14 9.45 -1.55 -0.52
CA GLU B 14 10.68 -1.64 0.27
C GLU B 14 10.46 -2.11 1.72
N HIS B 15 9.34 -1.72 2.30
CA HIS B 15 8.96 -2.15 3.66
C HIS B 15 8.85 -3.69 3.71
N LEU B 16 8.12 -4.25 2.75
CA LEU B 16 8.09 -5.71 2.59
C LEU B 16 9.47 -6.31 2.32
N GLY B 17 10.25 -5.64 1.49
CA GLY B 17 11.56 -6.15 1.08
C GLY B 17 12.54 -6.25 2.23
N VAL B 18 12.61 -5.23 3.08
CA VAL B 18 13.53 -5.31 4.26
C VAL B 18 13.08 -6.40 5.21
N PHE B 19 11.79 -6.68 5.27
CA PHE B 19 11.31 -7.80 6.11
C PHE B 19 11.76 -9.13 5.51
N ARG B 20 11.55 -9.30 4.20
CA ARG B 20 12.01 -10.53 3.48
C ARG B 20 13.48 -10.78 3.72
N GLU B 21 14.26 -9.71 3.63
CA GLU B 21 15.68 -9.79 3.94
C GLU B 21 15.97 -10.24 5.38
N ALA B 22 15.32 -9.59 6.34
CA ALA B 22 15.55 -9.89 7.75
C ALA B 22 15.24 -11.38 8.06
N VAL B 23 14.24 -11.96 7.41
CA VAL B 23 13.84 -13.36 7.75
C VAL B 23 14.23 -14.38 6.69
N LYS B 24 15.22 -14.02 5.87
CA LYS B 24 15.57 -14.86 4.71
C LYS B 24 15.98 -16.29 5.07
N ASP B 25 16.61 -16.46 6.22
CA ASP B 25 17.05 -17.79 6.67
C ASP B 25 16.01 -18.52 7.52
N ALA B 26 14.82 -17.93 7.73
CA ALA B 26 13.80 -18.53 8.58
C ALA B 26 12.99 -19.60 7.91
N GLU B 27 12.49 -20.55 8.69
CA GLU B 27 11.53 -21.50 8.18
CA GLU B 27 11.54 -21.59 8.26
C GLU B 27 10.11 -21.27 8.69
N ARG B 28 9.96 -20.89 9.96
CA ARG B 28 8.63 -20.63 10.48
C ARG B 28 8.64 -19.34 11.29
N ILE B 29 7.69 -18.48 10.92
CA ILE B 29 7.63 -17.15 11.51
CA ILE B 29 7.61 -17.13 11.50
C ILE B 29 6.34 -17.07 12.32
N GLY B 30 6.40 -16.45 13.52
CA GLY B 30 5.21 -16.18 14.33
C GLY B 30 5.07 -14.67 14.44
N PHE B 31 3.86 -14.18 14.23
CA PHE B 31 3.54 -12.75 14.41
C PHE B 31 2.62 -12.66 15.63
N ALA B 32 3.01 -11.91 16.68
CA ALA B 32 2.19 -11.78 17.86
C ALA B 32 1.71 -10.31 17.90
N GLY B 33 0.40 -10.10 17.98
CA GLY B 33 -0.10 -8.73 18.12
C GLY B 33 -1.54 -8.68 18.56
N VAL B 34 -2.01 -7.45 18.75
CA VAL B 34 -3.33 -7.24 19.28
C VAL B 34 -4.32 -7.51 18.14
N PRO B 35 -5.29 -8.39 18.40
CA PRO B 35 -6.32 -8.62 17.36
C PRO B 35 -7.02 -7.34 16.90
N GLY B 36 -7.28 -7.26 15.60
CA GLY B 36 -8.02 -6.12 15.03
C GLY B 36 -7.07 -5.10 14.45
N VAL B 37 -6.36 -4.42 15.31
CA VAL B 37 -5.44 -3.40 14.84
C VAL B 37 -4.14 -3.98 14.32
N THR B 39 -3.61 -7.51 13.55
CA THR B 39 -3.76 -8.71 12.66
C THR B 39 -3.43 -8.34 11.19
N PRO B 40 -3.94 -7.19 10.68
CA PRO B 40 -3.65 -6.94 9.27
C PRO B 40 -2.17 -6.83 8.94
N PHE B 41 -1.36 -6.35 9.87
CA PHE B 41 0.11 -6.30 9.65
C PHE B 41 0.71 -7.66 9.64
N ALA B 42 0.24 -8.52 10.53
CA ALA B 42 0.67 -9.94 10.41
C ALA B 42 0.33 -10.54 9.06
N GLN B 43 -0.88 -10.28 8.54
CA GLN B 43 -1.30 -10.84 7.26
C GLN B 43 -0.47 -10.25 6.09
N LEU B 44 -0.17 -8.95 6.17
CA LEU B 44 0.58 -8.30 5.10
C LEU B 44 1.99 -8.86 4.98
N PHE B 45 2.65 -8.96 6.12
CA PHE B 45 4.04 -9.42 6.10
C PHE B 45 4.12 -10.88 5.92
N ALA B 46 3.12 -11.63 6.38
CA ALA B 46 3.07 -13.06 6.05
C ALA B 46 2.96 -13.30 4.56
N TYR B 47 2.14 -12.50 3.91
CA TYR B 47 1.99 -12.59 2.44
C TYR B 47 3.34 -12.38 1.74
N ALA B 48 4.10 -11.42 2.22
CA ALA B 48 5.42 -11.10 1.70
C ALA B 48 6.41 -12.29 1.82
N VAL B 49 6.19 -13.17 2.80
CA VAL B 49 7.02 -14.39 2.97
C VAL B 49 6.19 -15.67 2.94
N ARG B 50 5.25 -15.70 1.99
CA ARG B 50 4.25 -16.76 1.90
CA ARG B 50 4.26 -16.77 1.95
C ARG B 50 4.87 -18.15 1.66
N ASP B 51 6.15 -18.18 1.26
CA ASP B 51 6.88 -19.44 1.11
C ASP B 51 7.16 -20.10 2.49
N LYS B 52 7.09 -19.32 3.58
CA LYS B 52 7.39 -19.83 4.90
C LYS B 52 6.14 -20.37 5.58
N ASP B 53 6.32 -21.06 6.71
CA ASP B 53 5.18 -21.52 7.49
CA ASP B 53 5.27 -21.59 7.56
C ASP B 53 4.94 -20.49 8.60
N ASN B 54 3.84 -19.76 8.47
CA ASN B 54 3.63 -18.52 9.28
C ASN B 54 2.42 -18.70 10.18
N ILE B 55 2.48 -18.11 11.38
CA ILE B 55 1.32 -18.18 12.31
C ILE B 55 1.04 -16.83 12.91
N PHE B 56 -0.20 -16.63 13.36
CA PHE B 56 -0.57 -15.39 14.05
C PHE B 56 -0.88 -15.78 15.49
N ILE B 57 -0.24 -15.12 16.46
CA ILE B 57 -0.48 -15.33 17.90
C ILE B 57 -1.29 -14.12 18.44
N PRO B 58 -2.53 -14.36 18.93
CA PRO B 58 -3.30 -13.21 19.41
C PRO B 58 -2.80 -12.80 20.82
N ASN B 59 -2.49 -11.51 20.93
CA ASN B 59 -1.92 -10.96 22.16
C ASN B 59 -0.71 -11.76 22.55
N THR B 60 -0.67 -12.31 23.76
CA THR B 60 0.44 -13.21 24.11
C THR B 60 -0.04 -14.66 24.31
N ASP B 61 -1.15 -15.00 23.66
CA ASP B 61 -1.70 -16.36 23.85
C ASP B 61 -1.30 -17.35 22.77
N PHE B 62 -0.14 -17.97 22.98
CA PHE B 62 0.44 -18.99 22.09
C PHE B 62 -0.52 -20.13 21.81
N SER B 63 -1.30 -20.55 22.83
CA SER B 63 -2.16 -21.72 22.67
C SER B 63 -3.29 -21.45 21.67
N LYS B 64 -3.57 -20.17 21.41
CA LYS B 64 -4.57 -19.78 20.47
C LYS B 64 -3.98 -19.36 19.12
N ALA B 65 -2.69 -19.66 18.88
CA ALA B 65 -2.07 -19.35 17.59
C ALA B 65 -2.76 -20.09 16.44
N ARG B 66 -2.88 -19.41 15.29
CA ARG B 66 -3.48 -20.00 14.07
C ARG B 66 -2.58 -19.84 12.88
N LYS B 67 -2.60 -20.86 12.01
CA LYS B 67 -1.87 -20.71 10.72
C LYS B 67 -2.33 -19.48 9.92
N LEU B 68 -1.36 -18.83 9.27
CA LEU B 68 -1.62 -17.77 8.29
C LEU B 68 -1.51 -18.43 6.91
N GLU B 69 -2.65 -18.67 6.28
CA GLU B 69 -2.69 -19.44 5.04
CA GLU B 69 -2.67 -19.45 5.03
C GLU B 69 -3.08 -18.62 3.83
N VAL B 70 -2.43 -18.83 2.68
CA VAL B 70 -2.81 -18.07 1.48
C VAL B 70 -4.01 -18.71 0.79
N THR B 71 -5.01 -17.89 0.48
CA THR B 71 -6.15 -18.36 -0.28
C THR B 71 -6.29 -17.46 -1.52
N GLU B 72 -7.37 -17.62 -2.30
CA GLU B 72 -7.61 -16.73 -3.44
C GLU B 72 -7.97 -15.30 -2.97
N TYR B 73 -8.22 -15.14 -1.67
CA TYR B 73 -8.50 -13.84 -1.11
C TYR B 73 -7.30 -13.14 -0.43
N GLY B 74 -6.19 -13.84 -0.27
CA GLY B 74 -5.02 -13.30 0.42
C GLY B 74 -4.67 -14.21 1.56
N VAL B 75 -4.21 -13.67 2.68
CA VAL B 75 -3.85 -14.51 3.80
C VAL B 75 -5.02 -14.51 4.75
N GLU B 76 -5.42 -15.71 5.16
CA GLU B 76 -6.53 -15.88 6.08
C GLU B 76 -6.06 -16.78 7.22
N LEU B 77 -6.77 -16.74 8.35
CA LEU B 77 -6.44 -17.58 9.51
C LEU B 77 -6.97 -18.98 9.30
N GLY B 78 -6.12 -19.99 9.52
CA GLY B 78 -6.46 -21.39 9.43
C GLY B 78 -6.59 -22.08 10.78
N GLU B 79 -6.13 -23.31 10.89
CA GLU B 79 -6.29 -24.11 12.11
CA GLU B 79 -6.32 -24.06 12.12
C GLU B 79 -5.39 -23.62 13.25
N ILE B 80 -5.76 -23.95 14.48
CA ILE B 80 -4.90 -23.73 15.68
C ILE B 80 -3.57 -24.44 15.46
N SER B 81 -2.45 -23.77 15.73
CA SER B 81 -1.14 -24.34 15.45
C SER B 81 -0.14 -23.72 16.41
N PRO B 82 -0.03 -24.21 17.66
CA PRO B 82 0.88 -23.58 18.60
C PRO B 82 2.30 -24.22 18.49
N GLY B 83 2.88 -24.17 17.31
CA GLY B 83 4.25 -24.67 17.11
C GLY B 83 5.20 -23.52 17.27
N ASN B 84 6.33 -23.75 17.95
CA ASN B 84 7.27 -22.66 18.11
CA ASN B 84 7.27 -22.66 18.09
C ASN B 84 7.92 -22.29 16.75
N VAL B 85 8.63 -21.19 16.74
CA VAL B 85 9.00 -20.54 15.49
C VAL B 85 10.46 -20.21 15.56
N ASP B 86 11.11 -20.04 14.42
CA ASP B 86 12.50 -19.64 14.49
CA ASP B 86 12.51 -19.63 14.49
C ASP B 86 12.69 -18.12 14.38
N VAL B 87 11.63 -17.42 14.00
CA VAL B 87 11.59 -15.93 14.13
C VAL B 87 10.25 -15.56 14.76
N LEU B 88 10.29 -14.84 15.87
CA LEU B 88 9.08 -14.34 16.49
C LEU B 88 9.03 -12.83 16.28
N VAL B 89 7.94 -12.34 15.67
CA VAL B 89 7.82 -10.93 15.32
C VAL B 89 6.75 -10.36 16.24
N LEU B 90 7.16 -9.50 17.16
CA LEU B 90 6.22 -8.80 18.00
C LEU B 90 5.73 -7.56 17.24
N LEU B 91 4.42 -7.36 17.26
CA LEU B 91 3.80 -6.19 16.60
C LEU B 91 3.59 -5.06 17.61
N GLY B 92 3.67 -3.81 17.13
CA GLY B 92 3.77 -2.64 18.03
C GLY B 92 2.61 -2.49 18.97
N GLY B 93 1.43 -2.95 18.54
CA GLY B 93 0.22 -2.88 19.38
C GLY B 93 0.39 -3.55 20.73
N LEU B 94 1.26 -4.57 20.80
CA LEU B 94 1.52 -5.24 22.07
C LEU B 94 2.06 -4.30 23.15
N SER B 95 2.69 -3.22 22.71
CA SER B 95 3.32 -2.30 23.66
C SER B 95 2.40 -1.17 24.10
N MET B 96 1.17 -1.15 23.59
CA MET B 96 0.27 -0.04 23.90
CA MET B 96 0.30 -0.04 23.90
C MET B 96 -0.30 -0.25 25.30
N PRO B 97 -0.35 0.82 26.11
CA PRO B 97 -0.95 0.61 27.44
C PRO B 97 -2.45 0.23 27.36
N GLY B 98 -2.90 -0.71 28.20
CA GLY B 98 -4.35 -0.97 28.31
C GLY B 98 -4.79 -2.34 27.84
N ILE B 99 -3.81 -3.01 27.26
CA ILE B 99 -3.86 -4.31 26.65
C ILE B 99 -3.28 -4.39 25.24
N GLY B 100 -2.20 -3.63 25.14
CA GLY B 100 -0.94 -4.26 24.89
C GLY B 100 -0.81 -5.17 26.13
N SER B 101 0.20 -6.02 26.17
CA SER B 101 0.24 -7.12 27.14
C SER B 101 1.28 -6.76 28.17
N ASP B 102 1.20 -7.28 29.40
CA ASP B 102 2.27 -6.90 30.35
C ASP B 102 3.63 -7.53 29.97
N ILE B 103 4.72 -6.90 30.40
CA ILE B 103 6.03 -7.27 29.82
C ILE B 103 6.45 -8.70 30.24
N GLU B 104 5.98 -9.10 31.43
CA GLU B 104 6.18 -10.46 31.92
CA GLU B 104 6.21 -10.47 31.89
C GLU B 104 5.46 -11.46 31.01
N ASP B 105 4.25 -11.09 30.58
CA ASP B 105 3.51 -11.94 29.62
C ASP B 105 4.25 -12.05 28.28
N VAL B 106 4.81 -10.94 27.82
CA VAL B 106 5.57 -10.92 26.55
C VAL B 106 6.84 -11.77 26.69
N LYS B 107 7.53 -11.65 27.83
CA LYS B 107 8.73 -12.50 28.06
C LYS B 107 8.41 -13.97 28.09
N LYS B 108 7.30 -14.33 28.73
CA LYS B 108 6.77 -15.69 28.72
CA LYS B 108 6.85 -15.73 28.71
C LYS B 108 6.51 -16.21 27.31
N LEU B 109 5.85 -15.38 26.52
CA LEU B 109 5.62 -15.69 25.09
C LEU B 109 6.92 -15.94 24.36
N VAL B 110 7.93 -15.09 24.57
CA VAL B 110 9.23 -15.30 23.86
C VAL B 110 9.80 -16.66 24.31
N GLU B 111 9.69 -16.97 25.60
CA GLU B 111 10.23 -18.22 26.09
CA GLU B 111 10.20 -18.23 26.14
C GLU B 111 9.48 -19.45 25.57
N ASP B 112 8.15 -19.36 25.49
CA ASP B 112 7.32 -20.46 24.97
C ASP B 112 7.36 -20.62 23.46
N ALA B 113 7.24 -19.50 22.74
CA ALA B 113 7.02 -19.52 21.29
C ALA B 113 8.26 -19.42 20.45
N LEU B 114 9.31 -18.76 20.94
CA LEU B 114 10.54 -18.68 20.14
C LEU B 114 11.52 -19.86 20.40
N GLU B 115 11.85 -20.65 19.38
CA GLU B 115 12.87 -21.73 19.51
C GLU B 115 14.09 -21.21 20.22
N GLU B 116 14.74 -22.03 21.05
CA GLU B 116 16.07 -21.63 21.54
C GLU B 116 16.98 -21.31 20.33
N GLY B 117 17.70 -20.19 20.41
CA GLY B 117 18.59 -19.75 19.32
C GLY B 117 17.88 -18.99 18.21
N GLY B 118 16.57 -18.83 18.32
CA GLY B 118 15.79 -18.13 17.27
C GLY B 118 16.00 -16.62 17.37
N GLU B 119 15.34 -15.88 16.49
CA GLU B 119 15.50 -14.43 16.43
CA GLU B 119 15.51 -14.45 16.40
C GLU B 119 14.25 -13.74 16.91
N LEU B 120 14.43 -12.68 17.70
CA LEU B 120 13.32 -11.90 18.19
C LEU B 120 13.31 -10.61 17.37
N MET B 121 12.19 -10.34 16.72
CA MET B 121 12.00 -9.14 15.91
C MET B 121 10.81 -8.28 16.36
N GLY B 122 10.89 -7.00 16.05
CA GLY B 122 9.75 -6.08 16.28
C GLY B 122 9.38 -5.43 14.95
N LEU B 123 8.08 -5.31 14.66
CA LEU B 123 7.64 -4.58 13.50
C LEU B 123 6.65 -3.57 14.05
N CYS B 124 6.95 -2.29 13.94
CA CYS B 124 6.05 -1.29 14.53
C CYS B 124 6.01 -0.02 13.68
N TYR B 125 5.10 0.87 14.06
CA TYR B 125 4.97 2.17 13.47
C TYR B 125 5.22 3.21 14.55
N MET B 126 5.70 4.36 14.11
CA MET B 126 5.80 5.57 14.94
C MET B 126 6.69 5.34 16.14
N ASP B 127 7.63 4.38 16.01
CA ASP B 127 8.68 4.10 16.99
C ASP B 127 8.04 3.60 18.32
N MET B 128 6.97 2.84 18.23
CA MET B 128 6.23 2.40 19.43
C MET B 128 7.09 1.67 20.44
N PHE B 129 7.93 0.73 19.99
CA PHE B 129 8.67 -0.11 20.92
C PHE B 129 9.66 0.72 21.72
N ALA B 130 10.44 1.57 21.04
CA ALA B 130 11.43 2.42 21.71
C ALA B 130 10.71 3.33 22.73
N ARG B 131 9.61 3.90 22.28
CA ARG B 131 8.84 4.84 23.12
C ARG B 131 8.26 4.19 24.38
N ALA B 132 7.92 2.91 24.28
CA ALA B 132 7.39 2.16 25.41
C ALA B 132 8.48 1.67 26.36
N GLY B 133 9.77 1.86 26.00
CA GLY B 133 10.90 1.40 26.82
C GLY B 133 11.32 -0.04 26.49
N TRP B 134 10.73 -0.60 25.43
CA TRP B 134 10.95 -2.05 25.16
C TRP B 134 12.35 -2.40 24.60
N TYR B 135 13.11 -1.41 24.11
CA TYR B 135 14.52 -1.71 23.72
C TYR B 135 15.37 -2.03 24.95
N GLU B 136 14.99 -1.45 26.08
CA GLU B 136 15.63 -1.75 27.36
C GLU B 136 15.09 -3.01 28.03
N LEU B 137 13.80 -3.28 27.83
CA LEU B 137 13.16 -4.39 28.50
C LEU B 137 13.30 -5.73 27.79
N LEU B 138 13.50 -5.67 26.46
CA LEU B 138 13.64 -6.88 25.65
C LEU B 138 14.93 -6.83 24.88
N ASP B 139 15.40 -8.01 24.45
CA ASP B 139 16.60 -8.13 23.65
C ASP B 139 16.18 -8.39 22.21
N PHE B 140 15.75 -7.36 21.48
CA PHE B 140 15.45 -7.56 20.06
C PHE B 140 16.70 -7.80 19.24
N ASP B 141 16.59 -8.70 18.29
CA ASP B 141 17.62 -8.85 17.27
C ASP B 141 17.51 -7.87 16.12
N CYS B 142 16.28 -7.54 15.72
CA CYS B 142 16.05 -6.64 14.60
C CYS B 142 14.72 -5.96 14.84
N VAL B 143 14.62 -4.65 14.57
CA VAL B 143 13.32 -4.01 14.64
C VAL B 143 13.15 -3.27 13.32
N ILE B 144 11.94 -3.33 12.76
CA ILE B 144 11.65 -2.57 11.56
C ILE B 144 10.55 -1.59 11.97
N ASN B 145 10.86 -0.31 11.83
CA ASN B 145 9.96 0.75 12.28
C ASN B 145 9.55 1.63 11.10
N ALA B 146 8.27 1.95 10.95
CA ALA B 146 7.85 2.78 9.83
C ALA B 146 7.10 3.98 10.35
N ASP B 147 7.24 5.11 9.68
CA ASP B 147 6.36 6.26 9.99
C ASP B 147 5.40 6.47 8.86
N ILE B 148 4.21 6.93 9.21
CA ILE B 148 3.12 7.16 8.26
C ILE B 148 2.73 8.63 8.26
N ASP B 149 2.62 9.22 7.08
CA ASP B 149 1.92 10.50 6.99
CA ASP B 149 1.89 10.48 6.99
C ASP B 149 1.20 10.64 5.66
N GLY B 150 0.21 11.52 5.60
CA GLY B 150 -0.52 11.58 4.34
C GLY B 150 -1.42 12.77 4.29
N TYR B 151 -2.34 12.69 3.33
CA TYR B 151 -3.26 13.77 3.01
CA TYR B 151 -3.29 13.76 3.16
C TYR B 151 -4.63 13.21 2.69
N VAL B 152 -5.65 14.02 2.91
CA VAL B 152 -6.98 13.73 2.46
C VAL B 152 -7.28 14.75 1.36
N LEU B 153 -7.87 14.29 0.27
CA LEU B 153 -8.27 15.16 -0.84
C LEU B 153 -9.76 14.95 -1.13
N ARG B 154 -10.39 15.98 -1.66
CA ARG B 154 -11.80 15.89 -2.02
CA ARG B 154 -11.82 15.96 -2.01
C ARG B 154 -12.01 16.32 -3.46
N GLY B 155 -13.00 15.70 -4.10
CA GLY B 155 -13.37 15.93 -5.50
C GLY B 155 -14.42 17.02 -5.61
N GLY C 1 -20.13 17.32 16.47
CA GLY C 1 -20.11 18.65 15.82
C GLY C 1 -18.83 19.45 16.02
N HIS C 2 -18.78 20.62 15.38
CA HIS C 2 -17.59 21.48 15.36
C HIS C 2 -17.19 21.92 16.75
N MET C 3 -15.92 21.75 17.10
CA MET C 3 -15.40 22.22 18.39
C MET C 3 -14.56 23.48 18.26
N GLU C 4 -14.93 24.51 19.03
CA GLU C 4 -14.25 25.80 19.03
CA GLU C 4 -14.24 25.80 19.03
C GLU C 4 -13.35 25.98 20.27
N LYS C 5 -12.07 26.29 20.07
CA LYS C 5 -11.15 26.51 21.21
C LYS C 5 -11.57 27.72 22.03
N LEU C 6 -11.77 27.47 23.33
CA LEU C 6 -12.17 28.52 24.28
C LEU C 6 -10.95 29.20 24.91
N LYS C 7 -10.08 28.39 25.50
CA LYS C 7 -8.97 28.94 26.25
C LYS C 7 -7.90 27.91 26.47
N GLU C 8 -6.71 28.39 26.81
CA GLU C 8 -5.60 27.49 27.11
C GLU C 8 -5.35 27.43 28.62
N PHE C 9 -4.64 26.40 29.06
CA PHE C 9 -4.30 26.30 30.48
C PHE C 9 -2.90 25.68 30.54
N ARG C 10 -2.27 25.84 31.70
CA ARG C 10 -0.94 25.30 31.95
CA ARG C 10 -0.92 25.36 31.96
C ARG C 10 -0.90 24.76 33.38
N GLY C 11 -0.37 23.55 33.51
CA GLY C 11 -0.17 22.89 34.80
C GLY C 11 -1.37 22.13 35.33
N ILE C 12 -1.11 21.33 36.35
CA ILE C 12 -2.12 20.45 36.94
C ILE C 12 -3.20 21.23 37.68
N LYS C 13 -2.82 22.27 38.40
CA LYS C 13 -3.91 23.06 39.06
C LYS C 13 -4.94 23.63 38.06
N GLU C 14 -4.46 24.24 36.98
CA GLU C 14 -5.38 24.78 35.96
C GLU C 14 -6.13 23.69 35.20
N HIS C 15 -5.52 22.53 34.98
CA HIS C 15 -6.19 21.39 34.32
C HIS C 15 -7.39 20.97 35.15
N LEU C 16 -7.18 20.83 36.46
CA LEU C 16 -8.32 20.49 37.32
C LEU C 16 -9.33 21.63 37.38
N GLY C 17 -8.81 22.87 37.41
CA GLY C 17 -9.65 24.08 37.49
C GLY C 17 -10.61 24.22 36.32
N VAL C 18 -10.11 24.06 35.09
CA VAL C 18 -11.02 24.16 33.92
C VAL C 18 -12.09 23.04 33.91
N PHE C 19 -11.79 21.88 34.48
CA PHE C 19 -12.80 20.83 34.60
C PHE C 19 -13.85 21.22 35.67
N ARG C 20 -13.39 21.72 36.82
CA ARG C 20 -14.34 22.22 37.87
C ARG C 20 -15.30 23.22 37.29
N GLU C 21 -14.78 24.14 36.49
CA GLU C 21 -15.60 25.17 35.79
C GLU C 21 -16.60 24.53 34.86
N ALA C 22 -16.11 23.61 34.03
CA ALA C 22 -16.97 22.93 33.05
C ALA C 22 -18.16 22.22 33.72
N VAL C 23 -17.94 21.58 34.86
CA VAL C 23 -19.00 20.82 35.54
C VAL C 23 -19.67 21.55 36.72
N LYS C 24 -19.55 22.86 36.77
CA LYS C 24 -19.97 23.63 37.97
C LYS C 24 -21.43 23.41 38.37
N ASP C 25 -22.28 23.18 37.38
CA ASP C 25 -23.72 23.10 37.64
C ASP C 25 -24.19 21.65 37.74
N ALA C 26 -23.25 20.71 37.64
CA ALA C 26 -23.61 19.29 37.61
C ALA C 26 -23.84 18.72 38.99
N GLU C 27 -24.70 17.71 39.12
CA GLU C 27 -24.83 17.03 40.42
C GLU C 27 -24.18 15.64 40.40
N ARG C 28 -24.38 14.91 39.30
CA ARG C 28 -23.90 13.53 39.20
C ARG C 28 -23.11 13.42 37.93
N ILE C 29 -21.88 12.93 38.06
CA ILE C 29 -20.96 12.82 36.91
C ILE C 29 -20.55 11.37 36.71
N GLY C 30 -20.54 10.92 35.45
CA GLY C 30 -20.02 9.61 35.13
C GLY C 30 -18.75 9.77 34.28
N PHE C 31 -17.73 8.99 34.60
CA PHE C 31 -16.49 8.97 33.83
C PHE C 31 -16.40 7.57 33.21
N ALA C 32 -16.33 7.51 31.89
CA ALA C 32 -16.21 6.22 31.18
C ALA C 32 -14.81 6.11 30.56
N GLY C 33 -14.10 5.03 30.83
CA GLY C 33 -12.82 4.87 30.15
C GLY C 33 -12.32 3.47 30.27
N VAL C 34 -11.18 3.26 29.64
CA VAL C 34 -10.60 1.92 29.58
C VAL C 34 -9.93 1.63 30.95
N PRO C 35 -10.31 0.51 31.59
CA PRO C 35 -9.68 0.16 32.85
C PRO C 35 -8.14 0.11 32.78
N GLY C 36 -7.51 0.60 33.84
CA GLY C 36 -6.04 0.53 33.98
C GLY C 36 -5.42 1.83 33.52
N VAL C 37 -5.49 2.10 32.23
CA VAL C 37 -4.85 3.31 31.70
CA VAL C 37 -4.85 3.33 31.74
C VAL C 37 -5.70 4.58 31.96
N THR C 39 -8.58 4.69 34.25
CA THR C 39 -9.15 4.76 35.62
C THR C 39 -8.50 5.86 36.48
N PRO C 40 -7.16 5.96 36.45
CA PRO C 40 -6.51 6.99 37.28
C PRO C 40 -6.95 8.39 36.94
N PHE C 41 -7.26 8.64 35.64
CA PHE C 41 -7.75 9.94 35.20
C PHE C 41 -9.13 10.20 35.72
N ALA C 42 -9.99 9.19 35.65
CA ALA C 42 -11.31 9.28 36.31
C ALA C 42 -11.18 9.65 37.81
N GLN C 43 -10.20 9.04 38.50
CA GLN C 43 -10.09 9.23 39.94
C GLN C 43 -9.55 10.61 40.25
N LEU C 44 -8.63 11.08 39.42
CA LEU C 44 -8.03 12.40 39.67
C LEU C 44 -9.07 13.50 39.49
N PHE C 45 -9.84 13.42 38.40
CA PHE C 45 -10.79 14.48 38.16
C PHE C 45 -12.01 14.35 39.07
N ALA C 46 -12.35 13.14 39.45
CA ALA C 46 -13.41 12.98 40.48
C ALA C 46 -12.99 13.61 41.79
N TYR C 47 -11.73 13.44 42.16
CA TYR C 47 -11.21 14.07 43.40
C TYR C 47 -11.36 15.62 43.34
N ALA C 48 -11.06 16.20 42.17
CA ALA C 48 -11.23 17.65 41.92
C ALA C 48 -12.65 18.14 42.11
N VAL C 49 -13.61 17.26 41.87
CA VAL C 49 -15.04 17.58 42.07
C VAL C 49 -15.67 16.62 43.08
N ARG C 50 -14.95 16.33 44.16
CA ARG C 50 -15.37 15.31 45.12
C ARG C 50 -16.66 15.72 45.84
N ASP C 51 -17.11 16.96 45.64
CA ASP C 51 -18.39 17.40 46.19
C ASP C 51 -19.57 16.81 45.41
N LYS C 52 -19.33 16.35 44.18
CA LYS C 52 -20.40 15.81 43.33
C LYS C 52 -20.56 14.32 43.64
N ASP C 53 -21.57 13.73 43.04
CA ASP C 53 -21.81 12.30 43.10
CA ASP C 53 -21.74 12.28 43.13
C ASP C 53 -21.20 11.65 41.84
N ASN C 54 -20.05 11.02 41.97
CA ASN C 54 -19.26 10.59 40.80
C ASN C 54 -19.28 9.07 40.66
N ILE C 55 -19.36 8.58 39.41
CA ILE C 55 -19.19 7.14 39.15
C ILE C 55 -18.16 6.90 38.01
N PHE C 56 -17.63 5.68 37.97
CA PHE C 56 -16.71 5.21 36.91
C PHE C 56 -17.37 4.03 36.21
N ILE C 57 -17.48 4.16 34.90
CA ILE C 57 -18.01 3.17 34.00
C ILE C 57 -16.82 2.56 33.26
N PRO C 58 -16.54 1.27 33.46
CA PRO C 58 -15.45 0.65 32.69
C PRO C 58 -15.87 0.42 31.22
N ASN C 59 -15.02 0.86 30.29
CA ASN C 59 -15.29 0.75 28.87
C ASN C 59 -16.68 1.37 28.60
N THR C 60 -17.62 0.64 28.01
CA THR C 60 -18.98 1.19 27.87
C THR C 60 -19.98 0.33 28.67
N ASP C 61 -19.49 -0.37 29.70
CA ASP C 61 -20.29 -1.31 30.49
CA ASP C 61 -20.35 -1.26 30.44
C ASP C 61 -20.99 -0.57 31.64
N PHE C 62 -22.13 0.06 31.35
CA PHE C 62 -22.87 0.89 32.32
C PHE C 62 -23.36 0.08 33.53
N SER C 63 -23.72 -1.19 33.31
CA SER C 63 -24.14 -2.04 34.41
C SER C 63 -23.02 -2.31 35.43
N LYS C 64 -21.77 -2.08 35.04
CA LYS C 64 -20.66 -2.32 35.95
C LYS C 64 -20.16 -1.02 36.62
N ALA C 65 -20.89 0.08 36.45
CA ALA C 65 -20.49 1.35 37.02
C ALA C 65 -20.44 1.33 38.56
N ARG C 66 -19.38 1.90 39.13
CA ARG C 66 -19.21 1.91 40.58
C ARG C 66 -18.97 3.31 41.05
N LYS C 67 -19.45 3.60 42.26
CA LYS C 67 -19.20 4.87 42.95
C LYS C 67 -17.72 5.15 43.04
N LEU C 68 -17.37 6.41 42.81
CA LEU C 68 -16.02 6.92 43.05
C LEU C 68 -16.08 7.63 44.40
N GLU C 69 -15.56 7.01 45.45
CA GLU C 69 -15.69 7.59 46.80
C GLU C 69 -14.38 7.99 47.44
N VAL C 70 -14.41 9.01 48.27
CA VAL C 70 -13.20 9.48 48.91
C VAL C 70 -12.95 8.72 50.20
N THR C 71 -11.72 8.22 50.38
CA THR C 71 -11.35 7.52 51.57
C THR C 71 -10.10 8.21 52.07
N GLU C 72 -9.52 7.73 53.17
CA GLU C 72 -8.26 8.29 53.65
C GLU C 72 -7.09 8.07 52.65
N TYR C 73 -7.29 7.18 51.68
CA TYR C 73 -6.26 6.92 50.63
C TYR C 73 -6.46 7.72 49.33
N GLY C 74 -7.62 8.37 49.23
CA GLY C 74 -7.97 9.21 48.08
C GLY C 74 -9.26 8.65 47.51
N VAL C 75 -9.47 8.74 46.20
CA VAL C 75 -10.69 8.22 45.55
C VAL C 75 -10.56 6.74 45.28
N GLU C 76 -11.51 5.94 45.76
CA GLU C 76 -11.48 4.52 45.52
C GLU C 76 -12.84 4.13 44.91
N LEU C 77 -12.90 2.95 44.34
CA LEU C 77 -14.14 2.45 43.73
C LEU C 77 -14.95 1.84 44.85
N GLY C 78 -16.23 2.14 44.91
CA GLY C 78 -17.12 1.59 45.93
C GLY C 78 -18.15 0.66 45.30
N GLU C 79 -19.39 0.72 45.74
CA GLU C 79 -20.41 -0.24 45.29
C GLU C 79 -20.89 0.03 43.86
N ILE C 80 -21.51 -0.97 43.25
CA ILE C 80 -22.15 -0.80 41.93
C ILE C 80 -23.24 0.27 42.06
N SER C 81 -23.20 1.30 41.22
CA SER C 81 -24.25 2.31 41.20
C SER C 81 -24.55 2.84 39.78
N PRO C 82 -25.17 2.02 38.91
CA PRO C 82 -25.57 2.59 37.62
C PRO C 82 -26.90 3.36 37.47
N GLY C 83 -27.13 4.40 38.26
CA GLY C 83 -28.11 5.44 37.87
C GLY C 83 -27.65 6.48 36.83
N ASN C 84 -28.62 7.19 36.26
CA ASN C 84 -28.42 8.35 35.35
C ASN C 84 -27.45 9.41 35.84
N VAL C 85 -26.75 10.08 34.90
CA VAL C 85 -25.83 11.18 35.27
C VAL C 85 -26.20 12.45 34.51
N ASP C 86 -25.77 13.58 35.04
CA ASP C 86 -25.94 14.93 34.44
CA ASP C 86 -26.06 14.80 34.28
C ASP C 86 -24.87 15.29 33.46
N VAL C 87 -23.68 14.73 33.72
CA VAL C 87 -22.53 14.93 32.81
C VAL C 87 -21.88 13.58 32.63
N LEU C 88 -21.76 13.18 31.37
CA LEU C 88 -21.03 11.97 31.03
C LEU C 88 -19.70 12.40 30.47
N VAL C 89 -18.61 11.95 31.10
CA VAL C 89 -17.28 12.32 30.68
C VAL C 89 -16.62 11.09 30.04
N LEU C 90 -16.39 11.16 28.73
CA LEU C 90 -15.62 10.11 28.02
C LEU C 90 -14.15 10.38 28.13
N LEU C 91 -13.38 9.36 28.50
CA LEU C 91 -11.93 9.47 28.57
C LEU C 91 -11.28 8.98 27.28
N GLY C 92 -10.16 9.61 26.94
CA GLY C 92 -9.50 9.42 25.64
C GLY C 92 -9.21 7.97 25.24
N GLY C 93 -9.00 7.10 26.21
CA GLY C 93 -8.62 5.72 25.87
C GLY C 93 -9.73 5.02 25.10
N LEU C 94 -10.98 5.44 25.31
CA LEU C 94 -12.10 4.82 24.57
C LEU C 94 -11.99 4.96 23.04
N SER C 95 -11.22 5.95 22.58
CA SER C 95 -11.08 6.20 21.14
C SER C 95 -9.88 5.48 20.53
N MET C 96 -9.13 4.76 21.34
CA MET C 96 -7.90 4.19 20.83
C MET C 96 -8.17 2.83 20.13
N PRO C 97 -7.47 2.54 19.02
CA PRO C 97 -7.73 1.31 18.24
C PRO C 97 -7.84 0.00 19.04
N GLY C 98 -6.83 -0.34 19.83
CA GLY C 98 -6.81 -1.71 20.39
C GLY C 98 -7.71 -1.85 21.61
N ILE C 99 -7.57 -0.89 22.52
CA ILE C 99 -8.24 -0.81 23.82
C ILE C 99 -9.64 -0.19 23.79
N GLY C 100 -9.94 0.55 22.73
CA GLY C 100 -11.13 1.41 22.68
C GLY C 100 -12.43 0.73 22.33
N SER C 101 -13.51 1.51 22.38
CA SER C 101 -14.87 0.98 22.22
C SER C 101 -15.45 1.35 20.88
N ASP C 102 -16.26 0.47 20.29
CA ASP C 102 -16.89 0.79 19.01
C ASP C 102 -17.85 1.98 19.20
N ILE C 103 -17.91 2.86 18.22
CA ILE C 103 -18.62 4.13 18.37
C ILE C 103 -20.12 3.92 18.63
N GLU C 104 -20.68 2.83 18.11
CA GLU C 104 -22.09 2.57 18.40
C GLU C 104 -22.29 2.17 19.87
N ASP C 105 -21.32 1.43 20.45
CA ASP C 105 -21.36 1.13 21.90
C ASP C 105 -21.30 2.42 22.76
N VAL C 106 -20.47 3.37 22.33
CA VAL C 106 -20.33 4.68 22.99
C VAL C 106 -21.66 5.45 22.88
N LYS C 107 -22.24 5.46 21.68
CA LYS C 107 -23.53 6.14 21.47
C LYS C 107 -24.62 5.52 22.35
N LYS C 108 -24.63 4.19 22.46
CA LYS C 108 -25.58 3.50 23.35
C LYS C 108 -25.34 3.83 24.83
N LEU C 109 -24.08 3.90 25.27
CA LEU C 109 -23.75 4.39 26.62
C LEU C 109 -24.32 5.82 26.82
N VAL C 110 -24.14 6.69 25.84
CA VAL C 110 -24.63 8.06 25.97
C VAL C 110 -26.16 8.02 26.13
N GLU C 111 -26.86 7.20 25.32
CA GLU C 111 -28.32 7.04 25.38
CA GLU C 111 -28.30 7.12 25.43
C GLU C 111 -28.75 6.53 26.76
N ASP C 112 -28.02 5.53 27.26
CA ASP C 112 -28.40 4.85 28.51
C ASP C 112 -28.10 5.66 29.77
N ALA C 113 -26.93 6.26 29.80
CA ALA C 113 -26.44 6.83 31.05
C ALA C 113 -26.68 8.31 31.22
N LEU C 114 -26.74 9.05 30.11
CA LEU C 114 -26.82 10.49 30.18
C LEU C 114 -28.27 10.96 30.24
N GLU C 115 -28.63 11.66 31.31
CA GLU C 115 -30.02 12.10 31.41
CA GLU C 115 -30.00 12.18 31.47
C GLU C 115 -30.38 13.07 30.29
N GLU C 116 -31.69 13.21 30.03
CA GLU C 116 -32.16 14.16 29.03
C GLU C 116 -31.69 15.58 29.36
N GLY C 117 -31.12 16.27 28.38
CA GLY C 117 -30.60 17.61 28.63
C GLY C 117 -29.21 17.63 29.27
N GLY C 118 -28.63 16.44 29.48
CA GLY C 118 -27.31 16.32 30.12
C GLY C 118 -26.18 16.74 29.18
N GLU C 119 -24.98 16.92 29.73
CA GLU C 119 -23.84 17.33 28.88
C GLU C 119 -22.88 16.16 28.62
N LEU C 120 -22.40 16.09 27.38
CA LEU C 120 -21.42 15.10 26.98
C LEU C 120 -20.07 15.80 26.90
N MET C 121 -19.12 15.28 27.67
CA MET C 121 -17.77 15.83 27.68
C MET C 121 -16.72 14.81 27.32
N GLY C 122 -15.54 15.31 26.96
CA GLY C 122 -14.38 14.46 26.73
C GLY C 122 -13.18 15.02 27.46
N LEU C 123 -12.41 14.14 28.05
CA LEU C 123 -11.16 14.53 28.70
CA LEU C 123 -11.19 14.51 28.72
C LEU C 123 -10.14 13.64 28.08
N CYS C 124 -9.16 14.24 27.40
CA CYS C 124 -8.13 13.42 26.76
C CYS C 124 -6.77 14.05 26.80
N TYR C 125 -5.78 13.29 26.32
CA TYR C 125 -4.40 13.75 26.13
C TYR C 125 -3.99 13.61 24.67
N MET C 126 -3.08 14.48 24.27
CA MET C 126 -2.44 14.49 22.96
C MET C 126 -3.48 14.54 21.82
N ASP C 127 -4.59 15.22 22.07
CA ASP C 127 -5.64 15.43 21.08
C ASP C 127 -6.28 14.12 20.57
N MET C 128 -6.40 13.12 21.44
CA MET C 128 -6.84 11.75 21.03
C MET C 128 -8.19 11.80 20.33
N PHE C 129 -9.14 12.55 20.88
CA PHE C 129 -10.51 12.49 20.32
C PHE C 129 -10.56 13.09 18.92
N ALA C 130 -9.94 14.26 18.74
CA ALA C 130 -9.93 14.92 17.43
C ALA C 130 -9.23 13.99 16.44
N ARG C 131 -8.08 13.47 16.85
CA ARG C 131 -7.27 12.58 15.96
C ARG C 131 -8.01 11.29 15.53
N ALA C 132 -8.87 10.78 16.43
CA ALA C 132 -9.73 9.60 16.15
C ALA C 132 -10.93 9.85 15.24
N GLY C 133 -11.21 11.13 14.95
CA GLY C 133 -12.39 11.52 14.15
C GLY C 133 -13.64 11.73 15.01
N TRP C 134 -13.47 11.64 16.33
CA TRP C 134 -14.60 11.63 17.27
C TRP C 134 -15.34 12.98 17.36
N TYR C 135 -14.70 14.09 16.97
CA TYR C 135 -15.45 15.38 16.91
C TYR C 135 -16.53 15.37 15.82
N GLU C 136 -16.33 14.56 14.78
CA GLU C 136 -17.30 14.41 13.71
C GLU C 136 -18.33 13.33 14.04
N LEU C 137 -17.94 12.34 14.83
CA LEU C 137 -18.78 11.18 15.17
C LEU C 137 -19.72 11.41 16.36
N LEU C 138 -19.32 12.30 17.27
CA LEU C 138 -20.14 12.56 18.48
C LEU C 138 -20.37 14.03 18.62
N ASP C 139 -21.39 14.40 19.37
CA ASP C 139 -21.63 15.80 19.61
CA ASP C 139 -21.72 15.78 19.65
C ASP C 139 -21.23 16.16 21.05
N PHE C 140 -19.92 16.36 21.22
CA PHE C 140 -19.39 16.81 22.51
C PHE C 140 -19.86 18.23 22.84
N ASP C 141 -20.25 18.48 24.10
CA ASP C 141 -20.50 19.84 24.53
C ASP C 141 -19.21 20.55 24.93
N CYS C 142 -18.26 19.78 25.49
CA CYS C 142 -17.01 20.37 25.95
C CYS C 142 -15.95 19.28 25.91
N VAL C 143 -14.77 19.63 25.45
CA VAL C 143 -13.62 18.72 25.51
C VAL C 143 -12.46 19.48 26.16
N ILE C 144 -11.76 18.83 27.08
CA ILE C 144 -10.54 19.40 27.64
C ILE C 144 -9.43 18.44 27.23
N ASN C 145 -8.42 18.98 26.55
CA ASN C 145 -7.33 18.17 26.03
C ASN C 145 -6.02 18.66 26.63
N ALA C 146 -5.20 17.77 27.14
CA ALA C 146 -3.89 18.18 27.64
C ALA C 146 -2.74 17.52 26.88
N ASP C 147 -1.64 18.25 26.70
CA ASP C 147 -0.41 17.68 26.16
C ASP C 147 0.63 17.56 27.27
N ILE C 148 1.46 16.53 27.15
CA ILE C 148 2.45 16.18 28.18
C ILE C 148 3.82 16.19 27.52
N ASP C 149 4.79 16.81 28.18
CA ASP C 149 6.16 16.52 27.81
CA ASP C 149 6.20 16.70 27.77
C ASP C 149 7.02 16.66 29.05
N GLY C 150 8.22 16.11 29.00
CA GLY C 150 9.01 16.13 30.22
C GLY C 150 10.46 15.76 29.99
N TYR C 151 11.11 15.49 31.11
CA TYR C 151 12.54 15.14 31.10
CA TYR C 151 12.55 15.22 31.15
C TYR C 151 12.79 14.11 32.16
N VAL C 152 13.84 13.32 31.93
CA VAL C 152 14.34 12.36 32.93
C VAL C 152 15.69 12.92 33.38
N LEU C 153 15.94 12.89 34.68
CA LEU C 153 17.24 13.32 35.25
C LEU C 153 17.83 12.21 36.07
N ARG C 154 19.15 12.18 36.12
CA ARG C 154 19.84 11.20 36.94
CA ARG C 154 19.91 11.19 36.88
C ARG C 154 20.79 11.85 37.93
N GLY C 155 20.90 11.23 39.10
N GLY C 155 20.86 11.24 39.11
CA GLY C 155 21.84 11.66 40.13
CA GLY C 155 21.67 11.75 40.20
C GLY C 155 23.20 11.02 39.93
C GLY C 155 22.87 10.86 40.47
N GLY D 1 4.56 23.28 -33.63
CA GLY D 1 4.83 24.62 -33.04
C GLY D 1 5.37 24.54 -31.63
N HIS D 2 5.42 25.69 -30.95
CA HIS D 2 6.01 25.76 -29.60
C HIS D 2 5.42 24.73 -28.65
N MET D 3 6.31 24.04 -27.93
CA MET D 3 5.91 23.08 -26.92
C MET D 3 6.23 23.61 -25.52
N GLU D 4 5.21 23.62 -24.66
CA GLU D 4 5.30 24.09 -23.28
CA GLU D 4 5.38 24.07 -23.29
C GLU D 4 5.37 22.88 -22.34
N LYS D 5 6.35 22.83 -21.46
CA LYS D 5 6.40 21.74 -20.48
C LYS D 5 5.24 21.88 -19.48
N LEU D 6 4.47 20.81 -19.33
CA LEU D 6 3.34 20.74 -18.41
C LEU D 6 3.79 20.29 -17.04
N LYS D 7 4.49 19.15 -17.00
CA LYS D 7 4.82 18.51 -15.73
C LYS D 7 5.89 17.46 -15.93
N GLU D 8 6.52 17.10 -14.82
CA GLU D 8 7.54 16.07 -14.82
C GLU D 8 6.96 14.79 -14.25
N PHE D 9 7.60 13.65 -14.53
CA PHE D 9 7.18 12.38 -13.96
C PHE D 9 8.42 11.52 -13.69
N ARG D 10 8.24 10.54 -12.81
CA ARG D 10 9.31 9.61 -12.46
C ARG D 10 8.78 8.17 -12.43
N GLY D 11 9.49 7.27 -13.08
CA GLY D 11 9.23 5.84 -13.01
C GLY D 11 8.25 5.39 -14.06
N ILE D 12 8.18 4.07 -14.23
CA ILE D 12 7.31 3.42 -15.23
C ILE D 12 5.82 3.63 -14.96
N LYS D 13 5.42 3.48 -13.71
CA LYS D 13 4.01 3.69 -13.38
C LYS D 13 3.49 5.08 -13.81
N GLU D 14 4.23 6.12 -13.47
CA GLU D 14 3.90 7.48 -13.86
C GLU D 14 4.02 7.75 -15.37
N HIS D 15 5.02 7.16 -16.00
CA HIS D 15 5.17 7.22 -17.47
C HIS D 15 3.90 6.69 -18.16
N LEU D 16 3.43 5.50 -17.76
CA LEU D 16 2.20 4.97 -18.30
C LEU D 16 1.01 5.87 -17.93
N GLY D 17 1.01 6.36 -16.69
CA GLY D 17 -0.07 7.23 -16.20
C GLY D 17 -0.26 8.51 -16.97
N VAL D 18 0.83 9.23 -17.25
CA VAL D 18 0.70 10.44 -18.06
C VAL D 18 0.19 10.15 -19.47
N PHE D 19 0.49 8.98 -20.02
CA PHE D 19 -0.09 8.60 -21.32
C PHE D 19 -1.60 8.37 -21.19
N ARG D 20 -2.00 7.65 -20.15
CA ARG D 20 -3.43 7.41 -19.91
C ARG D 20 -4.21 8.72 -19.85
N GLU D 21 -3.69 9.69 -19.11
CA GLU D 21 -4.29 11.02 -18.98
C GLU D 21 -4.36 11.73 -20.33
N ALA D 22 -3.26 11.66 -21.10
CA ALA D 22 -3.20 12.27 -22.44
C ALA D 22 -4.29 11.69 -23.37
N VAL D 23 -4.52 10.37 -23.32
CA VAL D 23 -5.45 9.75 -24.30
C VAL D 23 -6.81 9.40 -23.67
N LYS D 24 -7.15 10.05 -22.57
CA LYS D 24 -8.35 9.69 -21.81
C LYS D 24 -9.62 9.83 -22.64
N ASP D 25 -9.64 10.80 -23.56
CA ASP D 25 -10.84 11.03 -24.38
C ASP D 25 -10.77 10.36 -25.76
N ALA D 26 -9.68 9.63 -26.02
CA ALA D 26 -9.50 8.87 -27.27
C ALA D 26 -10.41 7.64 -27.38
N GLU D 27 -10.65 7.17 -28.61
CA GLU D 27 -11.25 5.84 -28.78
C GLU D 27 -10.37 4.87 -29.54
N ARG D 28 -9.74 5.38 -30.60
CA ARG D 28 -8.92 4.57 -31.48
C ARG D 28 -7.57 5.27 -31.61
N ILE D 29 -6.52 4.53 -31.29
CA ILE D 29 -5.16 5.07 -31.23
C ILE D 29 -4.22 4.27 -32.14
N GLY D 30 -3.46 4.97 -32.97
CA GLY D 30 -2.45 4.34 -33.81
C GLY D 30 -1.06 4.65 -33.27
N PHE D 31 -0.22 3.62 -33.11
CA PHE D 31 1.19 3.85 -32.75
C PHE D 31 2.02 3.64 -33.99
N ALA D 32 2.75 4.69 -34.39
CA ALA D 32 3.57 4.65 -35.60
C ALA D 32 5.05 4.69 -35.22
N GLY D 33 5.80 3.66 -35.63
CA GLY D 33 7.22 3.59 -35.26
C GLY D 33 8.01 2.60 -36.06
N VAL D 34 9.33 2.59 -35.87
CA VAL D 34 10.19 1.64 -36.59
C VAL D 34 10.23 0.24 -35.97
N PRO D 35 9.87 -0.79 -36.76
CA PRO D 35 9.86 -2.18 -36.32
C PRO D 35 11.12 -2.58 -35.57
N GLY D 36 10.95 -3.32 -34.48
CA GLY D 36 12.07 -3.87 -33.74
C GLY D 36 12.47 -3.00 -32.58
N VAL D 37 12.85 -1.77 -32.90
CA VAL D 37 13.28 -0.86 -31.86
C VAL D 37 12.10 -0.10 -31.23
N THR D 39 8.60 -1.06 -31.81
CA THR D 39 7.48 -1.99 -31.61
C THR D 39 7.17 -2.16 -30.11
N PRO D 40 8.18 -2.54 -29.29
CA PRO D 40 7.91 -2.80 -27.86
C PRO D 40 7.26 -1.66 -27.08
N PHE D 41 7.55 -0.41 -27.47
CA PHE D 41 6.99 0.79 -26.84
C PHE D 41 5.55 0.99 -27.25
N ALA D 42 5.25 0.71 -28.51
CA ALA D 42 3.87 0.67 -28.98
C ALA D 42 3.05 -0.34 -28.15
N GLN D 43 3.65 -1.49 -27.83
CA GLN D 43 2.92 -2.57 -27.13
C GLN D 43 2.78 -2.29 -25.64
N LEU D 44 3.81 -1.64 -25.08
CA LEU D 44 3.78 -1.22 -23.68
C LEU D 44 2.66 -0.19 -23.43
N PHE D 45 2.61 0.85 -24.26
CA PHE D 45 1.62 1.91 -24.05
C PHE D 45 0.21 1.55 -24.47
N ALA D 46 0.10 0.70 -25.49
CA ALA D 46 -1.16 0.04 -25.82
C ALA D 46 -1.70 -0.77 -24.65
N TYR D 47 -0.86 -1.56 -24.00
CA TYR D 47 -1.28 -2.33 -22.81
C TYR D 47 -1.84 -1.44 -21.69
N ALA D 48 -1.22 -0.26 -21.55
CA ALA D 48 -1.60 0.72 -20.53
C ALA D 48 -2.99 1.29 -20.80
N VAL D 49 -3.39 1.30 -22.07
CA VAL D 49 -4.70 1.83 -22.42
C VAL D 49 -5.46 0.76 -23.18
N ARG D 50 -5.44 -0.45 -22.63
CA ARG D 50 -5.98 -1.62 -23.32
C ARG D 50 -7.50 -1.59 -23.54
N ASP D 51 -8.18 -0.60 -22.97
CA ASP D 51 -9.61 -0.40 -23.18
C ASP D 51 -9.91 0.32 -24.48
N LYS D 52 -8.84 0.82 -25.11
CA LYS D 52 -8.90 1.58 -26.34
C LYS D 52 -8.79 0.63 -27.53
N ASP D 53 -9.29 1.09 -28.72
CA ASP D 53 -9.05 0.32 -29.94
C ASP D 53 -7.66 0.70 -30.46
N ASN D 54 -6.66 -0.13 -30.18
CA ASN D 54 -5.26 0.24 -30.54
C ASN D 54 -4.69 -0.47 -31.76
N ILE D 55 -3.98 0.30 -32.58
CA ILE D 55 -3.34 -0.26 -33.76
C ILE D 55 -1.87 0.19 -33.83
N PHE D 56 -1.05 -0.56 -34.59
CA PHE D 56 0.37 -0.23 -34.77
C PHE D 56 0.67 0.00 -36.26
N ILE D 57 1.34 1.11 -36.58
CA ILE D 57 1.72 1.41 -37.96
C ILE D 57 3.24 1.28 -38.09
N PRO D 58 3.71 0.39 -38.99
CA PRO D 58 5.15 0.26 -39.12
C PRO D 58 5.74 1.36 -40.00
N ASN D 59 6.81 1.98 -39.52
CA ASN D 59 7.38 3.18 -40.14
C ASN D 59 6.28 4.20 -40.47
N THR D 60 6.12 4.49 -41.76
CA THR D 60 5.03 5.38 -42.21
C THR D 60 3.98 4.67 -43.05
N ASP D 61 3.97 3.34 -43.02
CA ASP D 61 3.12 2.56 -43.93
C ASP D 61 1.79 2.14 -43.32
N PHE D 62 0.81 3.04 -43.38
CA PHE D 62 -0.51 2.82 -42.84
C PHE D 62 -1.15 1.50 -43.31
N SER D 63 -1.01 1.16 -44.58
CA SER D 63 -1.68 -0.02 -45.13
C SER D 63 -1.19 -1.33 -44.47
N LYS D 64 -0.09 -1.25 -43.71
CA LYS D 64 0.41 -2.41 -42.99
C LYS D 64 -0.03 -2.43 -41.52
N ALA D 65 -0.79 -1.42 -41.11
CA ALA D 65 -1.29 -1.28 -39.73
C ALA D 65 -2.02 -2.53 -39.24
N ARG D 66 -1.61 -3.02 -38.07
CA ARG D 66 -2.29 -4.15 -37.42
C ARG D 66 -2.89 -3.77 -36.05
N LYS D 67 -3.98 -4.42 -35.66
CA LYS D 67 -4.53 -4.26 -34.31
C LYS D 67 -3.54 -4.78 -33.25
N LEU D 68 -3.42 -4.07 -32.12
CA LEU D 68 -2.61 -4.54 -31.01
C LEU D 68 -3.57 -5.18 -30.02
N GLU D 69 -3.36 -6.46 -29.74
CA GLU D 69 -4.36 -7.28 -29.05
C GLU D 69 -3.81 -7.94 -27.81
N VAL D 70 -4.61 -7.98 -26.75
CA VAL D 70 -4.19 -8.61 -25.52
C VAL D 70 -4.39 -10.12 -25.56
N THR D 71 -3.38 -10.86 -25.12
CA THR D 71 -3.47 -12.33 -25.00
C THR D 71 -2.89 -12.76 -23.65
N GLU D 72 -2.90 -14.06 -23.35
CA GLU D 72 -2.29 -14.55 -22.11
C GLU D 72 -0.79 -14.19 -22.00
N TYR D 73 -0.17 -13.79 -23.11
CA TYR D 73 1.26 -13.44 -23.12
C TYR D 73 1.57 -11.93 -23.04
N GLY D 74 0.54 -11.11 -23.15
CA GLY D 74 0.75 -9.67 -23.25
C GLY D 74 0.03 -9.09 -24.45
N VAL D 75 0.63 -8.10 -25.09
CA VAL D 75 0.03 -7.52 -26.28
C VAL D 75 0.76 -8.06 -27.49
N GLU D 76 -0.01 -8.54 -28.47
CA GLU D 76 0.55 -9.08 -29.69
C GLU D 76 -0.16 -8.44 -30.89
N LEU D 77 0.42 -8.60 -32.07
CA LEU D 77 -0.17 -8.07 -33.28
C LEU D 77 -1.18 -9.07 -33.86
N GLY D 78 -2.31 -8.54 -34.32
CA GLY D 78 -3.37 -9.36 -34.89
C GLY D 78 -3.45 -9.13 -36.37
N GLU D 79 -4.67 -9.16 -36.90
CA GLU D 79 -4.89 -8.99 -38.33
C GLU D 79 -4.68 -7.52 -38.72
N ILE D 80 -4.57 -7.26 -40.03
CA ILE D 80 -4.53 -5.90 -40.56
C ILE D 80 -5.76 -5.12 -40.12
N SER D 81 -5.53 -3.94 -39.57
CA SER D 81 -6.60 -3.07 -39.12
C SER D 81 -6.53 -1.76 -39.89
N PRO D 82 -7.31 -1.67 -40.98
CA PRO D 82 -7.32 -0.41 -41.73
C PRO D 82 -8.40 0.50 -41.13
N GLY D 83 -8.27 1.80 -41.36
CA GLY D 83 -9.20 2.76 -40.77
C GLY D 83 -8.41 3.73 -39.96
N ASN D 84 -8.75 5.02 -40.08
CA ASN D 84 -7.96 6.05 -39.43
C ASN D 84 -8.23 6.15 -37.91
N VAL D 85 -7.43 6.96 -37.23
CA VAL D 85 -7.38 6.99 -35.78
C VAL D 85 -7.76 8.39 -35.28
N ASP D 86 -8.18 8.51 -34.02
CA ASP D 86 -8.47 9.84 -33.48
C ASP D 86 -7.29 10.40 -32.68
N VAL D 87 -6.38 9.52 -32.29
CA VAL D 87 -5.07 9.93 -31.79
C VAL D 87 -4.00 9.18 -32.59
N LEU D 88 -3.06 9.92 -33.18
CA LEU D 88 -1.90 9.30 -33.81
C LEU D 88 -0.67 9.56 -32.96
N VAL D 89 -0.03 8.48 -32.52
CA VAL D 89 1.15 8.60 -31.67
C VAL D 89 2.41 8.27 -32.48
N LEU D 90 3.27 9.28 -32.67
CA LEU D 90 4.52 9.11 -33.34
C LEU D 90 5.55 8.70 -32.31
N LEU D 91 6.28 7.63 -32.61
CA LEU D 91 7.38 7.16 -31.78
C LEU D 91 8.71 7.72 -32.25
N GLY D 92 9.58 7.97 -31.27
CA GLY D 92 10.89 8.62 -31.46
C GLY D 92 11.81 8.13 -32.55
N GLY D 93 11.78 6.82 -32.78
CA GLY D 93 12.62 6.18 -33.79
C GLY D 93 12.34 6.66 -35.19
N LEU D 94 11.12 7.12 -35.43
CA LEU D 94 10.79 7.77 -36.70
C LEU D 94 11.75 8.91 -37.04
N SER D 95 12.23 9.63 -36.03
CA SER D 95 13.09 10.81 -36.25
C SER D 95 14.58 10.51 -36.40
N MET D 96 14.96 9.24 -36.36
CA MET D 96 16.38 8.91 -36.35
C MET D 96 17.00 8.81 -37.75
N PRO D 97 18.28 9.25 -37.88
CA PRO D 97 19.04 9.18 -39.12
C PRO D 97 19.01 7.81 -39.82
N GLY D 100 15.01 5.24 -39.57
CA GLY D 100 14.15 6.42 -39.50
C GLY D 100 13.49 6.72 -40.82
N SER D 101 12.51 7.62 -40.82
CA SER D 101 11.77 7.98 -42.07
C SER D 101 11.58 9.50 -42.32
N ASP D 102 11.34 9.82 -43.59
CA ASP D 102 11.35 11.17 -44.16
C ASP D 102 10.28 12.13 -43.61
N ILE D 103 10.63 13.40 -43.38
CA ILE D 103 9.65 14.34 -42.79
C ILE D 103 8.33 14.52 -43.59
N GLU D 104 8.39 14.61 -44.91
CA GLU D 104 7.16 14.70 -45.73
CA GLU D 104 7.13 14.72 -45.66
C GLU D 104 6.37 13.39 -45.72
N ASP D 105 7.08 12.28 -45.54
CA ASP D 105 6.43 10.96 -45.42
C ASP D 105 5.68 10.82 -44.10
N VAL D 106 6.16 11.46 -43.03
CA VAL D 106 5.39 11.47 -41.79
C VAL D 106 4.25 12.50 -41.86
N LYS D 107 4.48 13.63 -42.53
CA LYS D 107 3.42 14.64 -42.73
C LYS D 107 2.24 14.04 -43.51
N LYS D 108 2.57 13.16 -44.45
CA LYS D 108 1.60 12.37 -45.23
C LYS D 108 0.87 11.36 -44.35
N LEU D 109 1.61 10.76 -43.41
CA LEU D 109 1.00 9.80 -42.48
C LEU D 109 -0.02 10.51 -41.61
N VAL D 110 0.32 11.70 -41.11
CA VAL D 110 -0.60 12.50 -40.29
C VAL D 110 -1.85 12.83 -41.14
N GLU D 111 -1.61 13.17 -42.40
CA GLU D 111 -2.72 13.39 -43.33
C GLU D 111 -3.61 12.13 -43.50
N ASP D 112 -2.94 10.90 -43.60
CA ASP D 112 -3.73 9.69 -43.93
C ASP D 112 -4.39 9.03 -42.76
N ALA D 113 -3.65 9.03 -41.58
CA ALA D 113 -4.08 8.21 -40.46
C ALA D 113 -4.92 8.99 -39.43
N LEU D 114 -4.84 10.33 -39.45
CA LEU D 114 -5.35 11.14 -38.34
C LEU D 114 -6.58 11.97 -38.75
N GLU D 115 -7.74 11.63 -38.17
CA GLU D 115 -9.02 12.30 -38.45
C GLU D 115 -8.92 13.82 -38.31
N GLU D 116 -9.74 14.52 -39.11
CA GLU D 116 -9.92 15.97 -38.97
CA GLU D 116 -9.92 15.97 -38.97
C GLU D 116 -10.14 16.29 -37.50
N GLY D 117 -9.30 17.17 -36.95
CA GLY D 117 -9.44 17.56 -35.55
C GLY D 117 -8.91 16.52 -34.56
N GLY D 118 -8.23 15.51 -35.10
CA GLY D 118 -7.63 14.48 -34.26
C GLY D 118 -6.35 14.98 -33.62
N GLU D 119 -5.87 14.23 -32.63
CA GLU D 119 -4.67 14.64 -31.91
C GLU D 119 -3.39 13.98 -32.39
N LEU D 120 -2.36 14.81 -32.56
CA LEU D 120 -1.03 14.34 -32.89
C LEU D 120 -0.18 14.34 -31.63
N MET D 121 0.34 13.18 -31.28
CA MET D 121 1.22 13.05 -30.13
C MET D 121 2.57 12.43 -30.47
N GLY D 122 3.52 12.62 -29.57
CA GLY D 122 4.85 12.06 -29.72
C GLY D 122 5.21 11.38 -28.42
N LEU D 123 5.71 10.15 -28.51
CA LEU D 123 6.26 9.42 -27.36
C LEU D 123 7.67 9.11 -27.71
N CYS D 124 8.63 9.62 -26.95
CA CYS D 124 10.03 9.37 -27.27
C CYS D 124 10.90 9.30 -26.02
N TYR D 125 12.15 8.94 -26.25
CA TYR D 125 13.18 8.87 -25.24
C TYR D 125 14.31 9.83 -25.55
N MET D 126 14.94 10.33 -24.50
CA MET D 126 16.17 11.17 -24.67
C MET D 126 15.93 12.43 -25.50
N ASP D 127 14.70 12.95 -25.44
CA ASP D 127 14.32 14.18 -26.12
C ASP D 127 14.50 14.11 -27.65
N MET D 128 14.28 12.93 -28.23
CA MET D 128 14.57 12.67 -29.65
C MET D 128 13.87 13.65 -30.61
N PHE D 129 12.59 13.91 -30.39
CA PHE D 129 11.83 14.79 -31.29
C PHE D 129 12.30 16.24 -31.24
N ALA D 130 12.50 16.77 -30.03
CA ALA D 130 13.00 18.14 -29.92
C ALA D 130 14.35 18.24 -30.64
N ARG D 131 15.20 17.25 -30.40
CA ARG D 131 16.57 17.27 -30.94
C ARG D 131 16.63 17.16 -32.46
N ALA D 132 15.70 16.42 -33.05
CA ALA D 132 15.59 16.29 -34.50
C ALA D 132 14.99 17.54 -35.18
N GLY D 133 14.57 18.53 -34.38
CA GLY D 133 13.91 19.72 -34.89
C GLY D 133 12.42 19.53 -35.20
N TRP D 134 11.86 18.42 -34.73
CA TRP D 134 10.49 18.03 -35.13
C TRP D 134 9.38 18.84 -34.46
N TYR D 135 9.69 19.55 -33.38
CA TYR D 135 8.75 20.51 -32.80
C TYR D 135 8.44 21.70 -33.71
N GLU D 136 9.40 22.09 -34.55
CA GLU D 136 9.21 23.21 -35.45
C GLU D 136 8.66 22.72 -36.79
N LEU D 137 8.84 21.42 -37.07
CA LEU D 137 8.44 20.80 -38.35
C LEU D 137 7.05 20.19 -38.34
N LEU D 138 6.60 19.82 -37.13
CA LEU D 138 5.31 19.21 -36.92
C LEU D 138 4.52 20.03 -35.92
N ASP D 139 3.20 19.85 -35.92
CA ASP D 139 2.34 20.49 -34.95
C ASP D 139 1.84 19.43 -33.94
N PHE D 140 2.69 19.10 -32.98
CA PHE D 140 2.36 18.13 -31.93
C PHE D 140 1.38 18.76 -30.97
N ASP D 141 0.38 17.99 -30.57
CA ASP D 141 -0.54 18.45 -29.54
C ASP D 141 -0.01 18.13 -28.16
N CYS D 142 0.60 16.96 -28.02
CA CYS D 142 1.18 16.54 -26.75
C CYS D 142 2.41 15.71 -27.03
N VAL D 143 3.48 15.95 -26.29
CA VAL D 143 4.65 15.07 -26.36
C VAL D 143 4.98 14.61 -24.93
N ILE D 144 5.24 13.31 -24.81
CA ILE D 144 5.76 12.71 -23.61
C ILE D 144 7.14 12.16 -23.89
N ASN D 145 8.13 12.68 -23.15
CA ASN D 145 9.52 12.32 -23.32
C ASN D 145 10.07 11.69 -22.04
N ALA D 146 10.82 10.60 -22.16
CA ALA D 146 11.47 9.98 -20.98
C ALA D 146 12.96 9.81 -21.17
N ASP D 147 13.72 10.09 -20.11
CA ASP D 147 15.17 9.87 -20.10
C ASP D 147 15.49 8.65 -19.27
N ILE D 148 16.50 7.91 -19.69
CA ILE D 148 16.85 6.66 -19.04
CA ILE D 148 16.86 6.63 -19.13
C ILE D 148 18.28 6.73 -18.64
N ASP D 149 18.55 6.26 -17.43
CA ASP D 149 19.93 5.98 -17.10
C ASP D 149 19.95 4.94 -16.03
N GLY D 150 21.10 4.34 -15.82
CA GLY D 150 21.06 3.13 -15.03
C GLY D 150 22.42 2.63 -14.67
N TYR D 151 22.45 1.41 -14.15
N TYR D 151 22.45 1.39 -14.18
CA TYR D 151 23.68 0.77 -13.69
CA TYR D 151 23.65 0.79 -13.56
C TYR D 151 23.68 -0.69 -14.04
C TYR D 151 23.69 -0.71 -13.87
N VAL D 152 24.88 -1.24 -14.14
CA VAL D 152 25.11 -2.68 -14.26
C VAL D 152 25.81 -3.13 -12.98
N LEU D 153 25.34 -4.22 -12.39
CA LEU D 153 25.95 -4.79 -11.17
C LEU D 153 26.35 -6.22 -11.46
N ARG D 154 27.36 -6.71 -10.73
N ARG D 154 27.36 -6.71 -10.74
CA ARG D 154 27.84 -8.08 -10.86
CA ARG D 154 27.81 -8.09 -10.88
C ARG D 154 27.87 -8.78 -9.51
C ARG D 154 27.88 -8.78 -9.52
N GLY D 155 27.54 -10.06 -9.50
CA GLY D 155 27.57 -10.88 -8.31
C GLY D 155 28.83 -11.72 -8.29
N GLY E 1 23.39 -11.98 -4.33
N GLY E 1 23.24 -13.09 -3.95
CA GLY E 1 23.89 -12.17 -2.93
CA GLY E 1 24.36 -12.49 -3.16
C GLY E 1 24.28 -10.80 -2.40
C GLY E 1 24.56 -10.99 -3.34
N HIS E 2 25.55 -10.46 -2.62
CA HIS E 2 25.94 -9.05 -2.62
C HIS E 2 26.29 -8.67 -4.06
N MET E 3 25.70 -7.57 -4.50
CA MET E 3 25.87 -7.10 -5.87
C MET E 3 26.73 -5.87 -5.84
N GLU E 4 27.73 -5.84 -6.71
CA GLU E 4 28.70 -4.75 -6.80
CA GLU E 4 28.61 -4.69 -6.77
C GLU E 4 28.44 -3.96 -8.09
N LYS E 5 28.24 -2.64 -7.99
CA LYS E 5 28.09 -1.79 -9.19
C LYS E 5 29.34 -1.81 -10.08
N LEU E 6 29.14 -2.09 -11.37
CA LEU E 6 30.21 -2.16 -12.37
C LEU E 6 30.37 -0.82 -13.09
N LYS E 7 29.27 -0.29 -13.59
CA LYS E 7 29.30 0.95 -14.36
C LYS E 7 27.93 1.53 -14.53
N GLU E 8 27.88 2.76 -15.03
CA GLU E 8 26.61 3.40 -15.31
C GLU E 8 26.44 3.50 -16.79
N PHE E 9 25.19 3.66 -17.20
CA PHE E 9 24.87 3.97 -18.58
C PHE E 9 23.78 5.02 -18.64
N ARG E 10 23.62 5.56 -19.84
CA ARG E 10 22.61 6.56 -20.09
CA ARG E 10 22.62 6.57 -20.10
C ARG E 10 22.06 6.40 -21.50
N GLY E 11 20.73 6.43 -21.61
CA GLY E 11 20.06 6.33 -22.89
C GLY E 11 19.71 4.90 -23.31
N ILE E 12 18.84 4.78 -24.31
CA ILE E 12 18.40 3.50 -24.83
C ILE E 12 19.53 2.72 -25.48
N LYS E 13 20.37 3.42 -26.26
CA LYS E 13 21.42 2.73 -26.98
C LYS E 13 22.38 2.03 -26.03
N GLU E 14 22.79 2.71 -24.95
CA GLU E 14 23.69 2.12 -23.98
C GLU E 14 23.03 1.05 -23.13
N HIS E 15 21.73 1.21 -22.88
CA HIS E 15 21.00 0.19 -22.13
C HIS E 15 20.98 -1.13 -22.91
N LEU E 16 20.73 -1.05 -24.21
CA LEU E 16 20.77 -2.23 -25.05
C LEU E 16 22.20 -2.78 -25.12
N GLY E 17 23.19 -1.88 -25.10
CA GLY E 17 24.59 -2.25 -25.23
C GLY E 17 25.16 -2.97 -24.03
N VAL E 18 24.84 -2.52 -22.82
CA VAL E 18 25.29 -3.27 -21.63
C VAL E 18 24.67 -4.66 -21.58
N PHE E 19 23.44 -4.80 -22.09
CA PHE E 19 22.83 -6.13 -22.17
C PHE E 19 23.64 -7.00 -23.14
N ARG E 20 23.87 -6.49 -24.35
CA ARG E 20 24.72 -7.17 -25.37
C ARG E 20 26.03 -7.71 -24.79
N GLU E 21 26.73 -6.86 -24.04
CA GLU E 21 28.00 -7.22 -23.38
C GLU E 21 27.80 -8.31 -22.33
N ALA E 22 26.77 -8.13 -21.51
CA ALA E 22 26.41 -9.14 -20.50
C ALA E 22 26.23 -10.52 -21.13
N VAL E 23 25.58 -10.61 -22.29
CA VAL E 23 25.21 -11.92 -22.85
C VAL E 23 26.05 -12.35 -24.07
N LYS E 24 27.17 -11.66 -24.28
CA LYS E 24 28.02 -11.87 -25.45
C LYS E 24 28.34 -13.32 -25.78
N ASP E 25 28.49 -14.14 -24.74
CA ASP E 25 28.93 -15.55 -24.90
C ASP E 25 27.78 -16.58 -24.86
N ALA E 26 26.56 -16.07 -24.74
CA ALA E 26 25.37 -16.90 -24.67
C ALA E 26 24.87 -17.30 -26.05
N GLU E 27 24.27 -18.49 -26.15
CA GLU E 27 23.68 -18.98 -27.41
C GLU E 27 22.16 -18.88 -27.39
N ARG E 28 21.62 -19.18 -26.19
CA ARG E 28 20.19 -19.26 -26.02
C ARG E 28 19.87 -18.52 -24.73
N ILE E 29 18.93 -17.58 -24.83
CA ILE E 29 18.58 -16.77 -23.66
C ILE E 29 17.09 -16.89 -23.42
N GLY E 30 16.70 -17.05 -22.15
CA GLY E 30 15.30 -17.05 -21.77
C GLY E 30 14.99 -15.77 -20.97
N PHE E 31 13.90 -15.09 -21.34
CA PHE E 31 13.40 -13.91 -20.58
C PHE E 31 12.10 -14.28 -19.86
N ALA E 32 12.07 -14.13 -18.53
CA ALA E 32 10.89 -14.49 -17.73
C ALA E 32 10.25 -13.25 -17.12
N GLY E 33 8.96 -13.02 -17.38
CA GLY E 33 8.30 -11.85 -16.75
C GLY E 33 6.78 -11.84 -16.84
N VAL E 34 6.17 -10.81 -16.25
CA VAL E 34 4.71 -10.70 -16.21
C VAL E 34 4.15 -10.28 -17.58
N PRO E 35 3.24 -11.09 -18.15
CA PRO E 35 2.56 -10.71 -19.39
C PRO E 35 2.00 -9.29 -19.38
N GLY E 36 2.16 -8.58 -20.50
CA GLY E 36 1.59 -7.26 -20.69
C GLY E 36 2.55 -6.14 -20.34
N VAL E 37 2.97 -6.12 -19.08
CA VAL E 37 3.85 -5.08 -18.61
C VAL E 37 5.33 -5.47 -18.83
N THR E 39 6.45 -8.20 -21.01
CA THR E 39 6.65 -8.72 -22.40
C THR E 39 7.37 -7.73 -23.35
N PRO E 40 6.96 -6.44 -23.37
CA PRO E 40 7.69 -5.47 -24.22
C PRO E 40 9.19 -5.37 -23.95
N PHE E 41 9.61 -5.51 -22.69
CA PHE E 41 11.05 -5.46 -22.36
C PHE E 41 11.81 -6.69 -22.83
N ALA E 42 11.20 -7.87 -22.65
CA ALA E 42 11.70 -9.10 -23.27
C ALA E 42 11.86 -8.93 -24.79
N GLN E 43 10.89 -8.30 -25.42
CA GLN E 43 10.90 -8.17 -26.86
C GLN E 43 12.02 -7.22 -27.27
N LEU E 44 12.08 -6.07 -26.60
CA LEU E 44 13.15 -5.09 -26.82
C LEU E 44 14.55 -5.67 -26.70
N PHE E 45 14.85 -6.33 -25.59
CA PHE E 45 16.20 -6.90 -25.41
C PHE E 45 16.48 -8.13 -26.26
N ALA E 46 15.46 -8.95 -26.54
CA ALA E 46 15.63 -10.00 -27.58
C ALA E 46 16.03 -9.39 -28.92
N TYR E 47 15.41 -8.26 -29.31
CA TYR E 47 15.74 -7.62 -30.59
C TYR E 47 17.19 -7.15 -30.59
N ALA E 48 17.64 -6.69 -29.43
CA ALA E 48 19.05 -6.25 -29.25
C ALA E 48 20.07 -7.38 -29.45
N VAL E 49 19.64 -8.62 -29.15
CA VAL E 49 20.46 -9.79 -29.37
C VAL E 49 19.80 -10.79 -30.34
N ARG E 50 19.21 -10.24 -31.42
CA ARG E 50 18.36 -10.99 -32.34
C ARG E 50 19.08 -12.11 -33.10
N ASP E 51 20.41 -12.10 -33.08
CA ASP E 51 21.23 -13.20 -33.62
C ASP E 51 21.11 -14.48 -32.79
N LYS E 52 20.74 -14.36 -31.51
CA LYS E 52 20.71 -15.50 -30.62
C LYS E 52 19.38 -16.21 -30.63
N ASP E 53 19.38 -17.48 -29.96
CA ASP E 53 18.12 -18.20 -29.85
CA ASP E 53 18.13 -18.22 -29.83
C ASP E 53 17.39 -17.79 -28.56
N ASN E 54 16.45 -16.85 -28.70
CA ASN E 54 15.75 -16.30 -27.52
C ASN E 54 14.33 -16.84 -27.32
N ILE E 55 13.91 -16.95 -26.05
CA ILE E 55 12.55 -17.41 -25.70
C ILE E 55 11.92 -16.51 -24.60
N PHE E 56 10.58 -16.46 -24.54
CA PHE E 56 9.88 -15.72 -23.49
C PHE E 56 9.06 -16.70 -22.59
N ILE E 57 9.29 -16.65 -21.29
CA ILE E 57 8.60 -17.43 -20.27
C ILE E 57 7.61 -16.52 -19.56
N PRO E 58 6.29 -16.81 -19.66
CA PRO E 58 5.36 -15.95 -18.93
C PRO E 58 5.32 -16.32 -17.46
N ASN E 59 5.60 -15.34 -16.59
CA ASN E 59 5.62 -15.59 -15.15
C ASN E 59 6.72 -16.59 -14.82
N THR E 60 6.39 -17.66 -14.10
CA THR E 60 7.37 -18.74 -13.90
C THR E 60 6.92 -20.04 -14.57
N ASP E 61 6.13 -19.89 -15.64
CA ASP E 61 5.50 -21.03 -16.28
C ASP E 61 6.34 -21.47 -17.50
N PHE E 62 7.39 -22.20 -17.18
CA PHE E 62 8.45 -22.65 -18.09
C PHE E 62 7.89 -23.49 -19.21
N SER E 63 6.86 -24.29 -18.92
CA SER E 63 6.25 -25.14 -19.96
C SER E 63 5.49 -24.30 -21.02
N LYS E 64 5.23 -23.03 -20.70
CA LYS E 64 4.57 -22.12 -21.63
C LYS E 64 5.59 -21.24 -22.40
N ALA E 65 6.87 -21.52 -22.19
CA ALA E 65 7.92 -20.71 -22.82
C ALA E 65 7.76 -20.75 -24.34
N ARG E 66 7.86 -19.59 -24.99
CA ARG E 66 7.84 -19.50 -26.47
C ARG E 66 9.10 -18.86 -27.03
N LYS E 67 9.41 -19.14 -28.31
CA LYS E 67 10.50 -18.43 -29.00
C LYS E 67 10.16 -16.97 -29.27
N LEU E 68 11.17 -16.11 -29.22
CA LEU E 68 10.99 -14.72 -29.62
C LEU E 68 11.57 -14.56 -31.02
N GLU E 69 10.73 -14.18 -31.99
CA GLU E 69 11.10 -14.25 -33.40
C GLU E 69 11.11 -12.89 -34.07
N VAL E 70 12.22 -12.59 -34.73
CA VAL E 70 12.35 -11.38 -35.51
C VAL E 70 11.53 -11.56 -36.77
N THR E 71 10.53 -10.71 -36.93
CA THR E 71 9.73 -10.70 -38.15
C THR E 71 9.85 -9.32 -38.74
N GLU E 72 9.05 -9.07 -39.77
CA GLU E 72 8.95 -7.75 -40.42
C GLU E 72 8.38 -6.67 -39.50
N TYR E 73 7.61 -7.07 -38.49
CA TYR E 73 6.99 -6.12 -37.56
C TYR E 73 7.81 -5.79 -36.31
N GLY E 74 8.81 -6.62 -36.01
CA GLY E 74 9.64 -6.41 -34.83
C GLY E 74 10.16 -7.70 -34.28
N VAL E 75 9.86 -7.95 -33.00
CA VAL E 75 10.02 -9.25 -32.38
C VAL E 75 8.61 -9.70 -31.98
N GLU E 76 8.29 -10.95 -32.29
CA GLU E 76 6.99 -11.53 -31.94
C GLU E 76 7.19 -12.91 -31.35
N LEU E 77 6.13 -13.42 -30.69
CA LEU E 77 6.17 -14.74 -30.07
C LEU E 77 5.87 -15.83 -31.08
N GLY E 78 6.65 -16.92 -31.03
CA GLY E 78 6.50 -18.05 -31.95
C GLY E 78 6.12 -19.33 -31.23
N GLU E 79 6.78 -20.43 -31.58
CA GLU E 79 6.38 -21.77 -31.14
C GLU E 79 6.66 -21.99 -29.65
N ILE E 80 5.75 -22.71 -28.99
CA ILE E 80 5.94 -23.03 -27.60
C ILE E 80 7.15 -23.97 -27.46
N SER E 81 8.28 -23.48 -26.92
CA SER E 81 9.41 -24.39 -26.65
C SER E 81 10.26 -24.15 -25.39
N PRO E 82 9.97 -24.91 -24.30
CA PRO E 82 10.83 -24.90 -23.12
C PRO E 82 12.09 -25.74 -23.38
N GLY E 83 13.25 -25.09 -23.33
CA GLY E 83 14.52 -25.80 -23.33
C GLY E 83 15.41 -25.11 -22.33
N ASN E 84 16.36 -25.85 -21.79
CA ASN E 84 17.58 -25.28 -21.23
C ASN E 84 18.02 -23.95 -21.88
N VAL E 85 18.32 -22.94 -21.05
CA VAL E 85 18.90 -21.70 -21.55
C VAL E 85 20.28 -21.55 -20.92
N ASP E 86 21.17 -20.82 -21.59
CA ASP E 86 22.51 -20.56 -21.05
C ASP E 86 22.45 -19.33 -20.16
N VAL E 87 21.46 -18.48 -20.42
CA VAL E 87 21.22 -17.28 -19.61
C VAL E 87 19.73 -17.14 -19.40
N LEU E 88 19.34 -17.09 -18.13
CA LEU E 88 17.97 -16.79 -17.75
C LEU E 88 17.87 -15.37 -17.19
N VAL E 89 17.02 -14.55 -17.80
CA VAL E 89 16.90 -13.15 -17.43
C VAL E 89 15.55 -12.91 -16.77
N LEU E 90 15.57 -12.63 -15.47
CA LEU E 90 14.33 -12.35 -14.75
C LEU E 90 13.99 -10.88 -14.93
N LEU E 91 12.74 -10.57 -15.24
CA LEU E 91 12.30 -9.21 -15.47
C LEU E 91 11.66 -8.70 -14.15
N GLY E 92 11.86 -7.43 -13.83
CA GLY E 92 11.47 -6.91 -12.49
C GLY E 92 10.01 -7.05 -12.08
N GLY E 93 9.10 -7.14 -13.04
CA GLY E 93 7.69 -7.41 -12.71
C GLY E 93 7.47 -8.67 -11.87
N LEU E 94 8.34 -9.67 -12.02
CA LEU E 94 8.29 -10.88 -11.21
C LEU E 94 8.35 -10.59 -9.72
N SER E 95 8.92 -9.44 -9.35
CA SER E 95 9.19 -9.16 -7.95
C SER E 95 8.14 -8.28 -7.29
N MET E 96 7.13 -7.88 -8.08
CA MET E 96 6.05 -6.99 -7.60
C MET E 96 5.06 -7.78 -6.72
N PRO E 97 4.66 -7.19 -5.59
CA PRO E 97 3.74 -7.92 -4.72
C PRO E 97 2.41 -8.27 -5.39
N GLY E 98 1.94 -9.49 -5.10
CA GLY E 98 0.61 -9.97 -5.51
C GLY E 98 0.35 -10.14 -7.00
N ILE E 99 1.34 -9.75 -7.82
CA ILE E 99 1.24 -9.74 -9.29
C ILE E 99 2.53 -10.26 -9.89
N GLY E 100 3.55 -10.35 -9.05
CA GLY E 100 4.75 -11.08 -9.39
C GLY E 100 4.63 -12.50 -8.91
N SER E 101 5.76 -13.20 -8.89
CA SER E 101 5.73 -14.63 -8.57
C SER E 101 6.40 -14.89 -7.24
N ASP E 102 5.98 -15.95 -6.57
CA ASP E 102 6.61 -16.30 -5.30
C ASP E 102 8.05 -16.80 -5.50
N ILE E 103 8.87 -16.57 -4.49
CA ILE E 103 10.30 -16.80 -4.62
C ILE E 103 10.61 -18.30 -4.79
N GLU E 104 9.83 -19.18 -4.16
CA GLU E 104 10.00 -20.62 -4.38
C GLU E 104 9.72 -21.03 -5.82
N ASP E 105 8.68 -20.45 -6.41
CA ASP E 105 8.39 -20.67 -7.84
C ASP E 105 9.49 -20.14 -8.78
N VAL E 106 10.14 -19.05 -8.37
CA VAL E 106 11.21 -18.49 -9.20
C VAL E 106 12.44 -19.40 -9.12
N LYS E 107 12.76 -19.87 -7.92
CA LYS E 107 13.86 -20.79 -7.69
C LYS E 107 13.71 -22.08 -8.49
N LYS E 108 12.49 -22.60 -8.52
CA LYS E 108 12.26 -23.84 -9.22
C LYS E 108 12.45 -23.56 -10.69
N LEU E 109 12.11 -22.33 -11.13
CA LEU E 109 12.39 -21.89 -12.52
C LEU E 109 13.88 -21.88 -12.87
N VAL E 110 14.72 -21.29 -12.04
CA VAL E 110 16.15 -21.34 -12.32
C VAL E 110 16.72 -22.78 -12.27
N GLU E 111 16.19 -23.61 -11.37
CA GLU E 111 16.53 -25.03 -11.38
CA GLU E 111 16.51 -25.04 -11.36
C GLU E 111 16.06 -25.73 -12.65
N ASP E 112 14.88 -25.37 -13.15
CA ASP E 112 14.34 -26.05 -14.32
C ASP E 112 15.03 -25.60 -15.60
N ALA E 113 15.14 -24.28 -15.77
CA ALA E 113 15.48 -23.67 -17.06
C ALA E 113 16.97 -23.40 -17.27
N LEU E 114 17.73 -23.29 -16.20
CA LEU E 114 19.09 -22.81 -16.35
C LEU E 114 20.15 -23.92 -16.28
N GLU E 115 20.84 -24.16 -17.40
CA GLU E 115 21.87 -25.21 -17.52
C GLU E 115 22.83 -25.14 -16.34
N GLU E 116 23.35 -26.28 -15.89
CA GLU E 116 24.37 -26.20 -14.85
C GLU E 116 25.47 -25.27 -15.35
N GLY E 117 25.90 -24.35 -14.49
CA GLY E 117 26.96 -23.41 -14.88
C GLY E 117 26.50 -22.23 -15.73
N GLY E 118 25.20 -22.14 -15.99
CA GLY E 118 24.64 -21.02 -16.72
C GLY E 118 24.54 -19.76 -15.87
N GLU E 119 24.06 -18.67 -16.46
CA GLU E 119 24.03 -17.41 -15.74
C GLU E 119 22.61 -16.88 -15.49
N LEU E 120 22.40 -16.42 -14.26
CA LEU E 120 21.14 -15.81 -13.87
C LEU E 120 21.28 -14.27 -13.83
N MET E 121 20.42 -13.62 -14.58
CA MET E 121 20.42 -12.18 -14.69
C MET E 121 19.06 -11.58 -14.31
N GLY E 122 19.09 -10.31 -13.96
CA GLY E 122 17.86 -9.53 -13.80
C GLY E 122 17.91 -8.26 -14.63
N LEU E 123 16.80 -7.90 -15.26
CA LEU E 123 16.67 -6.61 -15.90
C LEU E 123 15.47 -5.95 -15.26
N CYS E 124 15.67 -4.81 -14.63
CA CYS E 124 14.56 -4.17 -13.98
C CYS E 124 14.63 -2.65 -14.13
N TYR E 125 13.55 -2.01 -13.70
CA TYR E 125 13.46 -0.57 -13.59
C TYR E 125 13.29 -0.18 -12.14
N MET E 126 13.84 0.99 -11.81
CA MET E 126 13.63 1.65 -10.52
C MET E 126 14.13 0.78 -9.35
N ASP E 127 15.17 -0.01 -9.60
CA ASP E 127 15.81 -0.79 -8.58
C ASP E 127 14.88 -1.82 -7.95
N MET E 128 13.96 -2.38 -8.74
CA MET E 128 12.90 -3.27 -8.18
C MET E 128 13.43 -4.45 -7.45
N PHE E 129 14.41 -5.12 -8.03
CA PHE E 129 14.93 -6.35 -7.42
C PHE E 129 15.62 -6.05 -6.07
N ALA E 130 16.47 -5.02 -6.01
CA ALA E 130 17.13 -4.68 -4.75
C ALA E 130 16.06 -4.36 -3.68
N ARG E 131 15.10 -3.53 -4.09
CA ARG E 131 14.04 -3.08 -3.16
C ARG E 131 13.14 -4.20 -2.64
N ALA E 132 12.92 -5.22 -3.46
CA ALA E 132 12.16 -6.40 -3.06
C ALA E 132 12.94 -7.35 -2.15
N GLY E 133 14.25 -7.11 -1.94
CA GLY E 133 15.08 -8.02 -1.14
C GLY E 133 15.72 -9.15 -1.96
N TRP E 134 15.51 -9.12 -3.28
CA TRP E 134 15.86 -10.29 -4.14
C TRP E 134 17.36 -10.49 -4.33
N TYR E 135 18.17 -9.46 -4.05
CA TYR E 135 19.63 -9.66 -4.05
C TYR E 135 20.07 -10.58 -2.94
N GLU E 136 19.30 -10.63 -1.86
CA GLU E 136 19.57 -11.53 -0.74
C GLU E 136 18.87 -12.86 -0.89
N LEU E 137 17.80 -12.90 -1.68
CA LEU E 137 17.00 -14.12 -1.85
C LEU E 137 17.45 -14.99 -3.00
N LEU E 138 18.10 -14.37 -3.98
CA LEU E 138 18.63 -15.07 -5.16
C LEU E 138 20.11 -14.77 -5.35
N ASP E 139 20.76 -15.59 -6.16
CA ASP E 139 22.17 -15.35 -6.50
CA ASP E 139 22.17 -15.39 -6.51
C ASP E 139 22.30 -14.94 -7.96
N PHE E 140 22.00 -13.67 -8.24
CA PHE E 140 22.14 -13.11 -9.58
C PHE E 140 23.61 -13.04 -9.96
N ASP E 141 23.90 -13.32 -11.23
CA ASP E 141 25.25 -13.08 -11.76
C ASP E 141 25.45 -11.66 -12.22
N CYS E 142 24.40 -11.05 -12.76
CA CYS E 142 24.44 -9.67 -13.29
C CYS E 142 23.04 -9.12 -13.16
N VAL E 143 22.93 -7.84 -12.78
CA VAL E 143 21.65 -7.15 -12.84
C VAL E 143 21.88 -5.85 -13.59
N ILE E 144 20.94 -5.50 -14.47
CA ILE E 144 20.96 -4.23 -15.18
C ILE E 144 19.69 -3.50 -14.76
N ASN E 145 19.86 -2.34 -14.16
CA ASN E 145 18.75 -1.59 -13.62
C ASN E 145 18.69 -0.22 -14.30
N ALA E 146 17.51 0.21 -14.69
CA ALA E 146 17.38 1.53 -15.30
C ALA E 146 16.36 2.36 -14.56
N ASP E 147 16.66 3.65 -14.41
CA ASP E 147 15.70 4.62 -13.87
C ASP E 147 15.15 5.47 -14.99
N ILE E 148 13.89 5.86 -14.84
CA ILE E 148 13.14 6.57 -15.86
C ILE E 148 12.61 7.84 -15.24
N ASP E 149 12.78 8.95 -15.95
CA ASP E 149 12.07 10.13 -15.57
C ASP E 149 11.81 10.97 -16.82
N GLY E 150 10.84 11.88 -16.77
CA GLY E 150 10.62 12.67 -17.94
C GLY E 150 9.66 13.81 -17.75
N TYR E 151 9.08 14.23 -18.88
CA TYR E 151 8.27 15.44 -18.95
C TYR E 151 7.15 15.24 -19.94
N VAL E 152 6.05 15.91 -19.67
CA VAL E 152 4.94 16.02 -20.61
C VAL E 152 4.92 17.46 -21.10
N LEU E 153 4.72 17.64 -22.40
CA LEU E 153 4.64 18.98 -23.02
C LEU E 153 3.37 19.04 -23.84
N ARG E 154 2.83 20.26 -23.98
CA ARG E 154 1.62 20.49 -24.77
CA ARG E 154 1.66 20.45 -24.81
C ARG E 154 1.80 21.64 -25.77
N GLY E 155 1.22 21.48 -26.96
N GLY E 155 1.13 21.53 -26.92
CA GLY E 155 1.26 22.50 -27.99
CA GLY E 155 1.08 22.60 -27.91
C GLY E 155 0.13 23.50 -27.84
C GLY E 155 0.01 22.37 -28.97
#